data_3LB8
#
_entry.id   3LB8
#
_cell.length_a   67.600
_cell.length_b   103.400
_cell.length_c   167.700
_cell.angle_alpha   90.00
_cell.angle_beta   90.00
_cell.angle_gamma   90.00
#
_symmetry.space_group_name_H-M   'P 21 21 21'
#
loop_
_entity.id
_entity.type
_entity.pdbx_description
1 polymer 'Putidaredoxin reductase'
2 polymer Putidaredoxin
3 non-polymer 'FLAVIN-ADENINE DINUCLEOTIDE'
4 non-polymer 'FE2/S2 (INORGANIC) CLUSTER'
5 water water
#
loop_
_entity_poly.entity_id
_entity_poly.type
_entity_poly.pdbx_seq_one_letter_code
_entity_poly.pdbx_strand_id
1 'polypeptide(L)'
;NANDNVVIVGTGLAGVEVAFGLRASGWEGNIRLVGDATVIPHHLPPLSKAYLAGKATAESLYLRTPDAYAAQNIQLLGGT
QVTAINRDRQQVILSDGRALDYDRLVLATGGRPRPLPVASGAVGKANNFRYLRTLEDAECIRRQLIADNRLVVIGGGYIG
LEVAATAIKANMHVTLLDTAARVLERVTAPPVSAFYEHLHREAGVDIRTGTQVCGFEMSTDQQKVTAVLCEDGTRLPADL
VIAGIGLIPNCELASAAGLQVDNGIVINEHMQTSDPLIMAVGDCARFHSQLYDRWVRIESVPNALEQARKIAAILCGKVP
RDEAAPWFWSDQYEIGLKMVGLSEGYDRIIVRGSLAQPDFSVFYLQGDRVLAVDTVNRPVEFNQSKQIITDRLPVEPNLL
GDESVPLKEIIAAAKAELSSAKAELSSAPRHHHHHH
;
A,B
2 'polypeptide(L)'
;SKVVYVSHDGTRRELDVADGVSLMQAAVSNGIYDIVGDCGGSASCATCHVYVNEAFTDKVPAANEREIGMLESVTAELKP
NSRLSCQIIMTPELDGIVVDVPDRQW
;
C,D
#
loop_
_chem_comp.id
_chem_comp.type
_chem_comp.name
_chem_comp.formula
FAD non-polymer 'FLAVIN-ADENINE DINUCLEOTIDE' 'C27 H33 N9 O15 P2'
FES non-polymer 'FE2/S2 (INORGANIC) CLUSTER' 'Fe2 S2'
#
# COMPACT_ATOMS: atom_id res chain seq x y z
N ASN A 1 10.12 15.16 -37.28
CA ASN A 1 8.99 15.48 -38.10
C ASN A 1 7.73 14.80 -37.58
N ALA A 2 6.57 15.09 -38.15
CA ALA A 2 5.31 14.47 -37.70
C ALA A 2 5.05 13.07 -38.28
N ASN A 3 6.14 12.55 -38.69
CA ASN A 3 6.36 11.29 -39.32
C ASN A 3 7.80 10.86 -38.85
N ASP A 4 8.25 11.21 -37.59
CA ASP A 4 9.56 10.81 -36.99
C ASP A 4 9.30 9.93 -35.74
N ASN A 5 9.97 8.80 -35.73
CA ASN A 5 9.83 7.85 -34.64
C ASN A 5 10.84 8.05 -33.55
N VAL A 6 10.36 8.17 -32.32
CA VAL A 6 11.24 8.31 -31.17
C VAL A 6 11.06 7.12 -30.25
N VAL A 7 12.16 6.43 -29.97
CA VAL A 7 12.16 5.27 -29.09
C VAL A 7 12.91 5.56 -27.78
N ILE A 8 12.21 5.31 -26.67
CA ILE A 8 12.76 5.54 -25.34
C ILE A 8 12.91 4.20 -24.63
N VAL A 9 14.16 3.84 -24.33
CA VAL A 9 14.46 2.59 -23.63
C VAL A 9 14.54 2.82 -22.13
N GLY A 10 13.62 2.22 -21.39
CA GLY A 10 13.59 2.38 -19.95
C GLY A 10 12.34 3.15 -19.54
N THR A 11 11.56 2.59 -18.62
CA THR A 11 10.34 3.27 -18.20
C THR A 11 10.37 3.69 -16.75
N GLY A 12 11.46 4.35 -16.36
CA GLY A 12 11.58 4.84 -15.01
C GLY A 12 11.15 6.29 -15.07
N LEU A 13 11.52 7.07 -14.06
CA LEU A 13 11.13 8.46 -14.05
C LEU A 13 11.67 9.15 -15.31
N ALA A 14 12.95 8.99 -15.59
CA ALA A 14 13.57 9.62 -16.74
C ALA A 14 12.86 9.34 -18.08
N GLY A 15 12.65 8.07 -18.40
CA GLY A 15 12.00 7.72 -19.64
C GLY A 15 10.57 8.23 -19.79
N VAL A 16 9.68 7.90 -18.85
CA VAL A 16 8.31 8.36 -19.01
C VAL A 16 8.28 9.88 -18.99
N GLU A 17 9.28 10.49 -18.37
CA GLU A 17 9.30 11.94 -18.28
C GLU A 17 9.67 12.62 -19.60
N VAL A 18 10.48 11.98 -20.44
CA VAL A 18 10.79 12.61 -21.71
C VAL A 18 9.64 12.30 -22.69
N ALA A 19 8.92 11.22 -22.45
CA ALA A 19 7.81 10.84 -23.29
C ALA A 19 6.71 11.89 -23.15
N PHE A 20 6.24 12.10 -21.93
CA PHE A 20 5.18 13.09 -21.72
C PHE A 20 5.65 14.51 -21.97
N GLY A 21 6.91 14.79 -21.63
CA GLY A 21 7.42 16.13 -21.84
C GLY A 21 7.58 16.39 -23.31
N LEU A 22 7.95 15.35 -24.03
CA LEU A 22 8.14 15.43 -25.47
C LEU A 22 6.81 15.80 -26.09
N ARG A 23 5.75 15.15 -25.65
CA ARG A 23 4.41 15.40 -26.17
C ARG A 23 3.90 16.78 -25.75
N ALA A 24 4.41 17.30 -24.65
CA ALA A 24 4.00 18.60 -24.15
C ALA A 24 4.75 19.76 -24.83
N SER A 25 5.86 19.46 -25.49
CA SER A 25 6.63 20.51 -26.15
C SER A 25 6.28 20.59 -27.63
N GLY A 26 5.29 19.80 -28.06
CA GLY A 26 4.87 19.84 -29.45
C GLY A 26 5.17 18.65 -30.34
N TRP A 27 6.02 17.72 -29.90
CA TRP A 27 6.35 16.56 -30.71
C TRP A 27 5.10 15.88 -31.25
N GLU A 28 5.12 15.54 -32.54
CA GLU A 28 3.97 14.91 -33.18
C GLU A 28 4.23 13.52 -33.76
N GLY A 29 5.51 13.15 -33.85
CA GLY A 29 5.82 11.83 -34.37
C GLY A 29 5.43 10.73 -33.39
N ASN A 30 5.77 9.49 -33.73
CA ASN A 30 5.46 8.38 -32.84
C ASN A 30 6.38 8.36 -31.64
N ILE A 31 5.86 7.90 -30.50
CA ILE A 31 6.64 7.82 -29.28
C ILE A 31 6.52 6.42 -28.67
N ARG A 32 7.62 5.68 -28.70
CA ARG A 32 7.62 4.33 -28.14
C ARG A 32 8.40 4.26 -26.84
N LEU A 33 7.75 3.82 -25.77
CA LEU A 33 8.38 3.66 -24.46
C LEU A 33 8.55 2.16 -24.27
N VAL A 34 9.79 1.68 -24.29
CA VAL A 34 10.06 0.27 -24.12
C VAL A 34 10.84 0.03 -22.82
N GLY A 35 10.25 -0.75 -21.92
CA GLY A 35 10.92 -1.05 -20.66
C GLY A 35 10.78 -2.50 -20.26
N ASP A 36 11.74 -3.02 -19.51
CA ASP A 36 11.65 -4.40 -19.10
C ASP A 36 10.78 -4.57 -17.86
N ALA A 37 10.53 -3.48 -17.15
CA ALA A 37 9.68 -3.59 -15.97
C ALA A 37 8.29 -3.96 -16.49
N THR A 38 7.50 -4.64 -15.68
CA THR A 38 6.16 -5.05 -16.07
C THR A 38 5.10 -4.27 -15.32
N VAL A 39 5.50 -3.57 -14.28
CA VAL A 39 4.56 -2.79 -13.50
C VAL A 39 4.32 -1.41 -14.10
N ILE A 40 3.27 -0.75 -13.63
CA ILE A 40 2.98 0.56 -14.13
C ILE A 40 4.06 1.50 -13.60
N PRO A 41 4.64 2.32 -14.47
CA PRO A 41 5.69 3.24 -14.00
C PRO A 41 5.29 3.96 -12.72
N HIS A 42 6.19 3.93 -11.73
CA HIS A 42 5.94 4.55 -10.41
C HIS A 42 7.16 5.30 -9.86
N HIS A 43 6.92 6.11 -8.83
CA HIS A 43 7.96 6.88 -8.16
C HIS A 43 8.84 5.96 -7.31
N LEU A 44 10.07 6.37 -7.05
CA LEU A 44 10.98 5.58 -6.23
C LEU A 44 11.12 6.11 -4.79
N PRO A 45 11.30 7.43 -4.62
CA PRO A 45 11.46 7.95 -3.26
C PRO A 45 10.53 7.36 -2.20
N PRO A 46 9.27 7.07 -2.56
CA PRO A 46 8.42 6.50 -1.51
C PRO A 46 8.83 5.08 -1.06
N LEU A 47 9.59 4.37 -1.89
CA LEU A 47 9.99 3.03 -1.53
C LEU A 47 10.91 2.94 -0.28
N SER A 48 11.41 4.06 0.22
CA SER A 48 12.21 4.01 1.43
C SER A 48 11.63 4.97 2.44
N LYS A 49 10.42 5.43 2.15
CA LYS A 49 9.72 6.34 3.04
C LYS A 49 8.30 5.87 3.33
N ALA A 50 7.31 6.72 3.05
CA ALA A 50 5.90 6.41 3.32
C ALA A 50 5.36 5.07 2.83
N TYR A 51 5.82 4.61 1.67
CA TYR A 51 5.32 3.33 1.19
C TYR A 51 5.96 2.20 2.01
N LEU A 52 7.22 2.37 2.38
CA LEU A 52 7.91 1.34 3.17
C LEU A 52 7.25 1.32 4.54
N ALA A 53 6.89 2.48 5.04
CA ALA A 53 6.22 2.55 6.34
C ALA A 53 4.80 1.99 6.20
N GLY A 54 4.40 1.72 4.96
CA GLY A 54 3.07 1.20 4.71
C GLY A 54 1.99 2.26 4.90
N LYS A 55 2.34 3.53 4.72
CA LYS A 55 1.39 4.62 4.91
C LYS A 55 0.99 5.30 3.59
N ALA A 56 1.16 4.62 2.48
CA ALA A 56 0.81 5.19 1.19
C ALA A 56 0.33 4.05 0.32
N THR A 57 -0.65 4.33 -0.54
CA THR A 57 -1.19 3.29 -1.40
C THR A 57 -0.32 3.01 -2.61
N ALA A 58 -0.43 1.80 -3.13
CA ALA A 58 0.34 1.40 -4.29
C ALA A 58 -0.04 2.32 -5.46
N GLU A 59 -1.31 2.73 -5.50
CA GLU A 59 -1.79 3.60 -6.58
C GLU A 59 -1.21 5.01 -6.53
N SER A 60 -0.93 5.50 -5.33
CA SER A 60 -0.36 6.82 -5.21
C SER A 60 1.07 6.86 -5.77
N LEU A 61 1.62 5.70 -6.08
CA LEU A 61 2.97 5.63 -6.60
C LEU A 61 3.03 5.88 -8.10
N TYR A 62 1.90 5.70 -8.77
CA TYR A 62 1.84 5.91 -10.21
C TYR A 62 2.40 7.26 -10.65
N LEU A 63 3.29 7.22 -11.64
CA LEU A 63 3.85 8.46 -12.17
C LEU A 63 2.71 9.12 -12.93
N ARG A 64 2.00 8.32 -13.71
CA ARG A 64 0.87 8.77 -14.52
C ARG A 64 -0.18 7.68 -14.48
N THR A 65 -1.45 8.05 -14.45
CA THR A 65 -2.51 7.05 -14.44
C THR A 65 -2.29 6.23 -15.70
N PRO A 66 -2.47 4.90 -15.61
CA PRO A 66 -2.27 4.02 -16.77
C PRO A 66 -3.01 4.36 -18.05
N ASP A 67 -3.94 5.31 -18.01
CA ASP A 67 -4.67 5.68 -19.23
C ASP A 67 -4.16 6.97 -19.86
N ALA A 68 -3.29 7.68 -19.15
CA ALA A 68 -2.73 8.92 -19.68
C ALA A 68 -1.79 8.63 -20.84
N TYR A 69 -1.23 7.42 -20.91
CA TYR A 69 -0.32 7.07 -21.99
C TYR A 69 -1.02 7.02 -23.35
N ALA A 70 -2.18 6.38 -23.40
CA ALA A 70 -2.93 6.28 -24.65
C ALA A 70 -3.43 7.67 -25.05
N ALA A 71 -3.86 8.45 -24.05
CA ALA A 71 -4.36 9.80 -24.28
C ALA A 71 -3.33 10.72 -24.95
N GLN A 72 -2.06 10.52 -24.64
CA GLN A 72 -1.01 11.36 -25.21
C GLN A 72 -0.36 10.65 -26.38
N ASN A 73 -0.95 9.50 -26.74
CA ASN A 73 -0.46 8.70 -27.85
C ASN A 73 0.96 8.27 -27.65
N ILE A 74 1.22 7.78 -26.44
CA ILE A 74 2.53 7.29 -26.03
C ILE A 74 2.40 5.78 -25.89
N GLN A 75 2.99 5.04 -26.82
CA GLN A 75 2.93 3.58 -26.78
C GLN A 75 3.82 3.02 -25.69
N LEU A 76 3.21 2.42 -24.67
CA LEU A 76 3.97 1.85 -23.57
C LEU A 76 4.13 0.35 -23.74
N LEU A 77 5.35 -0.08 -24.03
CA LEU A 77 5.65 -1.49 -24.22
C LEU A 77 6.37 -2.12 -23.02
N GLY A 78 5.61 -2.55 -22.02
CA GLY A 78 6.21 -3.14 -20.84
C GLY A 78 6.73 -4.56 -21.01
N GLY A 79 7.22 -5.11 -19.90
CA GLY A 79 7.76 -6.46 -19.88
C GLY A 79 8.65 -6.78 -21.07
N THR A 80 9.20 -5.75 -21.71
CA THR A 80 10.04 -5.96 -22.88
C THR A 80 11.46 -5.45 -22.69
N GLN A 81 12.43 -6.29 -23.03
CA GLN A 81 13.83 -5.90 -22.89
C GLN A 81 14.51 -5.60 -24.22
N VAL A 82 15.27 -4.53 -24.26
CA VAL A 82 15.99 -4.19 -25.47
C VAL A 82 17.36 -4.84 -25.31
N THR A 83 17.73 -5.74 -26.23
CA THR A 83 19.00 -6.43 -26.14
C THR A 83 20.16 -5.79 -26.91
N ALA A 84 19.86 -5.04 -27.97
CA ALA A 84 20.93 -4.40 -28.73
C ALA A 84 20.47 -3.21 -29.54
N ILE A 85 21.44 -2.44 -30.03
CA ILE A 85 21.17 -1.25 -30.84
C ILE A 85 21.92 -1.33 -32.17
N ASN A 86 21.20 -1.35 -33.29
CA ASN A 86 21.87 -1.38 -34.59
C ASN A 86 21.87 0.06 -35.07
N ARG A 87 22.98 0.72 -34.83
CA ARG A 87 23.12 2.11 -35.17
C ARG A 87 22.94 2.45 -36.65
N ASP A 88 23.64 1.75 -37.52
CA ASP A 88 23.53 2.02 -38.94
C ASP A 88 22.13 1.69 -39.48
N ARG A 89 21.58 0.56 -39.05
CA ARG A 89 20.24 0.19 -39.50
C ARG A 89 19.22 1.08 -38.81
N GLN A 90 19.69 1.76 -37.76
CA GLN A 90 18.89 2.66 -36.94
C GLN A 90 17.70 2.03 -36.24
N GLN A 91 17.94 0.90 -35.59
CA GLN A 91 16.86 0.24 -34.88
C GLN A 91 17.35 -0.48 -33.62
N VAL A 92 16.41 -0.75 -32.72
CA VAL A 92 16.74 -1.47 -31.50
C VAL A 92 16.06 -2.82 -31.58
N ILE A 93 16.79 -3.86 -31.21
CA ILE A 93 16.24 -5.19 -31.24
C ILE A 93 15.86 -5.67 -29.85
N LEU A 94 14.67 -6.25 -29.75
CA LEU A 94 14.17 -6.75 -28.49
C LEU A 94 14.52 -8.21 -28.32
N SER A 95 14.24 -8.75 -27.13
CA SER A 95 14.51 -10.16 -26.85
C SER A 95 13.45 -11.01 -27.56
N ASP A 96 12.23 -10.48 -27.67
CA ASP A 96 11.17 -11.22 -28.34
C ASP A 96 11.33 -11.13 -29.86
N GLY A 97 12.57 -11.02 -30.31
CA GLY A 97 12.87 -10.97 -31.74
C GLY A 97 12.66 -9.66 -32.50
N ARG A 98 11.56 -8.96 -32.22
CA ARG A 98 11.23 -7.70 -32.88
C ARG A 98 12.37 -6.67 -32.92
N ALA A 99 12.33 -5.85 -33.95
CA ALA A 99 13.29 -4.76 -34.12
C ALA A 99 12.44 -3.50 -34.26
N LEU A 100 12.72 -2.49 -33.43
CA LEU A 100 11.97 -1.24 -33.50
C LEU A 100 12.76 -0.21 -34.29
N ASP A 101 12.10 0.44 -35.25
CA ASP A 101 12.77 1.46 -36.05
C ASP A 101 12.74 2.76 -35.27
N TYR A 102 13.81 3.55 -35.35
CA TYR A 102 13.88 4.84 -34.66
C TYR A 102 14.57 5.91 -35.47
N ASP A 103 14.15 7.14 -35.25
CA ASP A 103 14.76 8.29 -35.93
C ASP A 103 15.55 9.02 -34.87
N ARG A 104 15.05 8.91 -33.64
CA ARG A 104 15.60 9.53 -32.46
C ARG A 104 15.56 8.48 -31.35
N LEU A 105 16.69 8.21 -30.70
CA LEU A 105 16.74 7.22 -29.61
C LEU A 105 17.22 7.82 -28.26
N VAL A 106 16.50 7.51 -27.20
CA VAL A 106 16.80 8.00 -25.87
C VAL A 106 17.04 6.84 -24.89
N LEU A 107 18.26 6.75 -24.37
CA LEU A 107 18.60 5.71 -23.41
C LEU A 107 18.35 6.23 -21.99
N ALA A 108 17.32 5.70 -21.35
CA ALA A 108 16.92 6.09 -20.00
C ALA A 108 16.98 4.82 -19.17
N THR A 109 18.06 4.08 -19.34
CA THR A 109 18.26 2.79 -18.69
C THR A 109 18.47 2.76 -17.18
N GLY A 110 18.70 3.90 -16.55
CA GLY A 110 18.89 3.90 -15.10
C GLY A 110 20.02 3.02 -14.58
N GLY A 111 19.83 2.44 -13.41
CA GLY A 111 20.86 1.60 -12.89
C GLY A 111 20.36 0.40 -12.14
N ARG A 112 21.28 -0.51 -11.85
CA ARG A 112 20.94 -1.71 -11.09
C ARG A 112 21.78 -1.63 -9.82
N PRO A 113 21.25 -2.13 -8.70
CA PRO A 113 21.99 -2.11 -7.44
C PRO A 113 23.31 -2.87 -7.48
N ARG A 114 24.36 -2.26 -6.94
CA ARG A 114 25.67 -2.89 -6.89
C ARG A 114 25.58 -4.13 -5.99
N PRO A 115 25.94 -5.30 -6.53
CA PRO A 115 25.85 -6.51 -5.72
C PRO A 115 26.87 -6.54 -4.60
N LEU A 116 26.48 -7.12 -3.48
CA LEU A 116 27.37 -7.28 -2.33
C LEU A 116 28.18 -8.54 -2.68
N PRO A 117 29.49 -8.40 -2.89
CA PRO A 117 30.32 -9.56 -3.23
C PRO A 117 30.12 -10.88 -2.47
N VAL A 118 30.00 -10.82 -1.15
CA VAL A 118 29.82 -12.06 -0.42
C VAL A 118 28.36 -12.47 -0.25
N ALA A 119 27.51 -11.93 -1.10
CA ALA A 119 26.09 -12.27 -1.05
C ALA A 119 25.78 -13.30 -2.13
N SER A 120 26.85 -13.81 -2.76
CA SER A 120 26.74 -14.82 -3.82
C SER A 120 26.02 -16.07 -3.33
N GLY A 121 25.75 -16.99 -4.25
CA GLY A 121 25.08 -18.22 -3.87
C GLY A 121 23.69 -18.08 -3.26
N ALA A 122 23.42 -18.89 -2.24
CA ALA A 122 22.13 -18.90 -1.55
C ALA A 122 21.77 -17.61 -0.82
N VAL A 123 22.78 -16.86 -0.39
CA VAL A 123 22.56 -15.61 0.33
C VAL A 123 21.69 -14.66 -0.48
N GLY A 124 22.17 -14.21 -1.62
CA GLY A 124 21.38 -13.31 -2.44
C GLY A 124 19.97 -13.81 -2.69
N LYS A 125 19.83 -15.10 -2.94
CA LYS A 125 18.52 -15.67 -3.21
C LYS A 125 17.58 -15.82 -1.99
N ALA A 126 18.05 -15.51 -0.79
CA ALA A 126 17.20 -15.63 0.39
C ALA A 126 16.09 -14.58 0.30
N ASN A 127 14.94 -14.86 0.91
CA ASN A 127 13.86 -13.89 0.86
C ASN A 127 14.08 -12.81 1.93
N ASN A 128 14.86 -13.11 2.94
CA ASN A 128 15.09 -12.13 3.98
C ASN A 128 16.37 -11.34 3.70
N PHE A 129 16.86 -11.42 2.47
CA PHE A 129 18.04 -10.66 2.05
C PHE A 129 17.61 -9.85 0.83
N ARG A 130 17.74 -8.54 0.89
CA ARG A 130 17.27 -7.73 -0.22
C ARG A 130 17.96 -6.41 -0.52
N TYR A 131 17.88 -6.02 -1.78
CA TYR A 131 18.41 -4.74 -2.22
C TYR A 131 17.14 -3.91 -2.27
N LEU A 132 17.27 -2.59 -2.26
CA LEU A 132 16.06 -1.77 -2.32
C LEU A 132 16.04 -0.86 -3.53
N ARG A 133 15.65 -1.40 -4.67
CA ARG A 133 15.61 -0.59 -5.88
C ARG A 133 14.28 -0.73 -6.63
N THR A 134 13.54 -1.80 -6.37
CA THR A 134 12.27 -2.00 -7.06
C THR A 134 11.05 -2.05 -6.15
N LEU A 135 9.87 -2.00 -6.76
CA LEU A 135 8.61 -2.04 -6.04
C LEU A 135 8.50 -3.38 -5.31
N GLU A 136 8.92 -4.46 -5.99
CA GLU A 136 8.91 -5.79 -5.39
C GLU A 136 9.82 -5.78 -4.15
N ASP A 137 11.03 -5.24 -4.28
CA ASP A 137 11.94 -5.19 -3.15
C ASP A 137 11.28 -4.56 -1.94
N ALA A 138 10.66 -3.41 -2.15
CA ALA A 138 9.99 -2.68 -1.07
C ALA A 138 8.85 -3.43 -0.40
N GLU A 139 8.03 -4.12 -1.20
CA GLU A 139 6.90 -4.84 -0.63
C GLU A 139 7.38 -6.06 0.11
N CYS A 140 8.40 -6.70 -0.46
CA CYS A 140 8.99 -7.89 0.13
C CYS A 140 9.60 -7.50 1.49
N ILE A 141 10.29 -6.37 1.54
CA ILE A 141 10.90 -5.90 2.79
C ILE A 141 9.84 -5.43 3.78
N ARG A 142 8.88 -4.65 3.31
CA ARG A 142 7.83 -4.15 4.18
C ARG A 142 7.15 -5.26 4.96
N ARG A 143 6.94 -6.41 4.35
CA ARG A 143 6.28 -7.51 5.05
C ARG A 143 7.15 -8.14 6.12
N GLN A 144 8.44 -7.82 6.12
CA GLN A 144 9.35 -8.41 7.07
C GLN A 144 9.82 -7.45 8.15
N LEU A 145 9.21 -6.29 8.24
CA LEU A 145 9.55 -5.32 9.27
C LEU A 145 8.74 -5.68 10.50
N ILE A 146 9.09 -6.83 11.08
CA ILE A 146 8.43 -7.37 12.26
C ILE A 146 9.06 -6.87 13.56
N ALA A 147 8.25 -6.28 14.42
CA ALA A 147 8.71 -5.77 15.70
C ALA A 147 9.56 -6.82 16.40
N ASP A 148 10.53 -6.36 17.20
CA ASP A 148 11.41 -7.26 17.93
C ASP A 148 12.30 -8.18 17.11
N ASN A 149 12.15 -8.18 15.79
CA ASN A 149 12.98 -8.99 14.90
C ASN A 149 14.22 -8.12 14.63
N ARG A 150 15.37 -8.75 14.34
CA ARG A 150 16.59 -7.98 14.12
C ARG A 150 16.91 -7.72 12.67
N LEU A 151 17.34 -6.49 12.40
CA LEU A 151 17.68 -6.06 11.05
C LEU A 151 19.12 -5.53 10.93
N VAL A 152 19.83 -5.96 9.90
CA VAL A 152 21.16 -5.47 9.64
C VAL A 152 21.23 -4.83 8.27
N VAL A 153 21.44 -3.52 8.25
CA VAL A 153 21.53 -2.80 7.00
C VAL A 153 22.98 -2.57 6.67
N ILE A 154 23.33 -2.89 5.44
CA ILE A 154 24.69 -2.74 4.96
C ILE A 154 24.71 -1.64 3.92
N GLY A 155 25.41 -0.55 4.22
CA GLY A 155 25.50 0.55 3.29
C GLY A 155 25.21 1.82 4.01
N GLY A 156 26.03 2.85 3.82
CA GLY A 156 25.78 4.09 4.55
C GLY A 156 25.09 5.22 3.80
N GLY A 157 24.67 4.98 2.55
CA GLY A 157 24.00 6.01 1.77
C GLY A 157 22.69 6.47 2.37
N TYR A 158 21.98 7.34 1.67
CA TYR A 158 20.73 7.84 2.20
C TYR A 158 19.63 6.77 2.30
N ILE A 159 19.55 5.92 1.28
CA ILE A 159 18.53 4.87 1.29
C ILE A 159 18.73 4.00 2.50
N GLY A 160 19.99 3.67 2.79
CA GLY A 160 20.27 2.85 3.94
C GLY A 160 19.75 3.48 5.22
N LEU A 161 20.06 4.75 5.44
CA LEU A 161 19.61 5.46 6.62
C LEU A 161 18.07 5.54 6.64
N GLU A 162 17.44 5.77 5.50
CA GLU A 162 16.00 5.83 5.49
C GLU A 162 15.39 4.46 5.83
N VAL A 163 16.07 3.38 5.46
CA VAL A 163 15.56 2.03 5.79
C VAL A 163 15.68 1.82 7.30
N ALA A 164 16.84 2.16 7.87
CA ALA A 164 17.05 2.00 9.29
C ALA A 164 15.99 2.76 10.08
N ALA A 165 15.74 4.02 9.72
CA ALA A 165 14.74 4.81 10.45
C ALA A 165 13.33 4.25 10.31
N THR A 166 13.03 3.63 9.18
CA THR A 166 11.71 3.05 8.98
C THR A 166 11.57 1.84 9.88
N ALA A 167 12.62 1.03 9.92
CA ALA A 167 12.67 -0.19 10.73
C ALA A 167 12.60 0.11 12.22
N ILE A 168 13.26 1.19 12.65
CA ILE A 168 13.22 1.59 14.06
C ILE A 168 11.77 1.87 14.45
N LYS A 169 11.10 2.68 13.65
CA LYS A 169 9.71 3.04 13.89
C LYS A 169 8.83 1.77 13.91
N ALA A 170 9.25 0.73 13.20
CA ALA A 170 8.50 -0.53 13.16
C ALA A 170 8.87 -1.40 14.35
N ASN A 171 9.69 -0.84 15.23
CA ASN A 171 10.13 -1.54 16.44
C ASN A 171 11.11 -2.68 16.22
N MET A 172 11.88 -2.61 15.15
CA MET A 172 12.86 -3.65 14.91
C MET A 172 14.17 -3.26 15.62
N HIS A 173 15.06 -4.23 15.78
CA HIS A 173 16.34 -3.94 16.39
C HIS A 173 17.21 -3.73 15.18
N VAL A 174 17.81 -2.57 15.04
CA VAL A 174 18.60 -2.39 13.85
C VAL A 174 20.04 -1.99 14.02
N THR A 175 20.87 -2.55 13.16
CA THR A 175 22.30 -2.27 13.16
C THR A 175 22.65 -1.86 11.74
N LEU A 176 23.42 -0.80 11.60
CA LEU A 176 23.82 -0.33 10.28
C LEU A 176 25.36 -0.33 10.22
N LEU A 177 25.91 -0.99 9.21
CA LEU A 177 27.36 -1.09 9.03
C LEU A 177 27.75 -0.34 7.75
N ASP A 178 28.90 0.32 7.76
CA ASP A 178 29.37 1.03 6.58
C ASP A 178 30.87 0.83 6.59
N THR A 179 31.49 0.72 5.42
CA THR A 179 32.93 0.53 5.38
C THR A 179 33.60 1.89 5.59
N ALA A 180 32.88 2.96 5.28
CA ALA A 180 33.42 4.29 5.45
C ALA A 180 33.61 4.61 6.94
N ALA A 181 34.39 5.64 7.24
CA ALA A 181 34.64 6.03 8.63
C ALA A 181 33.46 6.78 9.25
N ARG A 182 32.47 7.11 8.43
CA ARG A 182 31.26 7.80 8.88
C ARG A 182 30.22 7.72 7.78
N VAL A 183 28.94 7.78 8.13
CA VAL A 183 27.89 7.70 7.11
C VAL A 183 27.92 8.91 6.19
N LEU A 184 27.59 8.72 4.91
CA LEU A 184 27.62 9.80 3.92
C LEU A 184 29.00 10.44 3.89
N GLU A 185 30.03 9.66 4.20
CA GLU A 185 31.41 10.12 4.25
C GLU A 185 31.86 11.05 3.09
N ARG A 186 31.63 10.61 1.87
CA ARG A 186 32.02 11.34 0.67
C ARG A 186 31.19 12.57 0.34
N VAL A 187 29.94 12.59 0.74
CA VAL A 187 29.09 13.71 0.40
C VAL A 187 28.85 14.76 1.48
N THR A 188 29.36 14.56 2.69
CA THR A 188 29.11 15.55 3.72
C THR A 188 30.25 15.84 4.68
N ALA A 189 30.27 17.04 5.21
CA ALA A 189 31.32 17.41 6.13
C ALA A 189 31.14 16.61 7.42
N PRO A 190 32.25 16.31 8.10
CA PRO A 190 32.21 15.56 9.35
C PRO A 190 31.03 15.90 10.27
N PRO A 191 30.83 17.20 10.57
CA PRO A 191 29.71 17.59 11.44
C PRO A 191 28.33 17.13 10.97
N VAL A 192 28.11 17.01 9.67
CA VAL A 192 26.81 16.53 9.19
C VAL A 192 26.74 15.02 9.37
N SER A 193 27.89 14.34 9.34
CA SER A 193 27.91 12.90 9.56
C SER A 193 27.64 12.69 11.04
N ALA A 194 28.27 13.52 11.87
CA ALA A 194 28.08 13.42 13.30
C ALA A 194 26.61 13.60 13.63
N PHE A 195 25.97 14.57 12.98
CA PHE A 195 24.56 14.83 13.22
C PHE A 195 23.69 13.62 12.91
N TYR A 196 23.92 12.98 11.77
CA TYR A 196 23.15 11.80 11.40
C TYR A 196 23.40 10.62 12.32
N GLU A 197 24.67 10.39 12.67
CA GLU A 197 24.99 9.30 13.57
C GLU A 197 24.36 9.49 14.94
N HIS A 198 24.34 10.73 15.45
CA HIS A 198 23.74 10.93 16.77
C HIS A 198 22.27 10.66 16.69
N LEU A 199 21.63 11.26 15.70
CA LEU A 199 20.20 11.13 15.47
C LEU A 199 19.80 9.65 15.47
N HIS A 200 20.50 8.83 14.69
CA HIS A 200 20.20 7.40 14.62
C HIS A 200 20.61 6.61 15.87
N ARG A 201 21.72 6.98 16.51
CA ARG A 201 22.11 6.26 17.72
C ARG A 201 21.10 6.60 18.81
N GLU A 202 20.69 7.85 18.81
CA GLU A 202 19.71 8.32 19.78
C GLU A 202 18.38 7.62 19.56
N ALA A 203 18.07 7.27 18.32
CA ALA A 203 16.81 6.59 18.01
C ALA A 203 16.91 5.11 18.36
N GLY A 204 18.13 4.61 18.53
CA GLY A 204 18.32 3.21 18.88
C GLY A 204 19.02 2.35 17.84
N VAL A 205 19.67 2.98 16.88
CA VAL A 205 20.36 2.22 15.84
C VAL A 205 21.80 1.97 16.28
N ASP A 206 22.26 0.73 16.09
CA ASP A 206 23.63 0.41 16.42
C ASP A 206 24.41 0.68 15.14
N ILE A 207 25.14 1.79 15.11
CA ILE A 207 25.89 2.12 13.91
C ILE A 207 27.37 1.80 14.00
N ARG A 208 27.80 0.76 13.30
CA ARG A 208 29.21 0.43 13.31
C ARG A 208 29.81 0.79 11.98
N THR A 209 30.60 1.86 11.98
CA THR A 209 31.26 2.32 10.77
C THR A 209 32.58 1.60 10.65
N GLY A 210 33.34 1.90 9.60
CA GLY A 210 34.61 1.24 9.40
C GLY A 210 34.46 -0.27 9.47
N THR A 211 33.28 -0.77 9.13
CA THR A 211 33.03 -2.20 9.17
C THR A 211 32.87 -2.76 7.76
N GLN A 212 33.31 -4.00 7.58
CA GLN A 212 33.20 -4.66 6.30
C GLN A 212 32.74 -6.09 6.47
N VAL A 213 31.57 -6.40 5.92
CA VAL A 213 31.03 -7.74 6.00
C VAL A 213 31.92 -8.68 5.17
N CYS A 214 32.22 -9.85 5.73
CA CYS A 214 33.07 -10.82 5.03
C CYS A 214 32.31 -12.12 4.68
N GLY A 215 31.05 -12.20 5.10
CA GLY A 215 30.26 -13.37 4.78
C GLY A 215 28.94 -13.40 5.52
N PHE A 216 28.15 -14.43 5.28
CA PHE A 216 26.88 -14.55 5.98
C PHE A 216 26.75 -15.96 6.52
N GLU A 217 25.80 -16.14 7.43
CA GLU A 217 25.51 -17.44 8.03
C GLU A 217 24.07 -17.72 7.64
N MET A 218 23.84 -18.92 7.12
CA MET A 218 22.50 -19.27 6.69
C MET A 218 21.84 -20.34 7.53
N SER A 219 20.52 -20.43 7.42
CA SER A 219 19.75 -21.42 8.14
C SER A 219 20.13 -22.77 7.56
N THR A 220 20.07 -23.81 8.39
CA THR A 220 20.38 -25.16 7.94
C THR A 220 19.51 -25.50 6.73
N ASP A 221 18.47 -24.69 6.55
CA ASP A 221 17.53 -24.84 5.45
C ASP A 221 18.10 -24.22 4.15
N GLN A 222 19.00 -23.26 4.32
CA GLN A 222 19.63 -22.57 3.19
C GLN A 222 18.64 -21.62 2.54
N GLN A 223 17.49 -21.44 3.18
CA GLN A 223 16.47 -20.56 2.64
C GLN A 223 16.54 -19.15 3.21
N LYS A 224 17.17 -19.00 4.36
CA LYS A 224 17.28 -17.68 4.97
C LYS A 224 18.62 -17.39 5.64
N VAL A 225 18.93 -16.11 5.75
CA VAL A 225 20.13 -15.64 6.37
C VAL A 225 19.84 -15.57 7.84
N THR A 226 20.84 -15.85 8.68
CA THR A 226 20.66 -15.81 10.12
C THR A 226 21.67 -14.90 10.81
N ALA A 227 22.76 -14.58 10.11
CA ALA A 227 23.76 -13.70 10.71
C ALA A 227 24.73 -13.11 9.68
N VAL A 228 25.26 -11.94 10.01
CA VAL A 228 26.20 -11.26 9.14
C VAL A 228 27.55 -11.36 9.84
N LEU A 229 28.59 -11.67 9.07
CA LEU A 229 29.95 -11.83 9.58
C LEU A 229 30.87 -10.70 9.12
N CYS A 230 31.53 -10.03 10.06
CA CYS A 230 32.42 -8.90 9.74
C CYS A 230 33.90 -9.25 9.80
N GLU A 231 34.71 -8.56 8.99
CA GLU A 231 36.17 -8.78 8.99
C GLU A 231 36.76 -8.77 10.39
N ASP A 232 36.07 -8.14 11.34
CA ASP A 232 36.55 -8.04 12.71
C ASP A 232 36.13 -9.23 13.58
N GLY A 233 35.68 -10.29 12.93
CA GLY A 233 35.26 -11.47 13.67
C GLY A 233 33.90 -11.46 14.34
N THR A 234 33.21 -10.32 14.43
CA THR A 234 31.90 -10.36 15.09
C THR A 234 30.83 -11.03 14.23
N ARG A 235 29.86 -11.61 14.91
CA ARG A 235 28.74 -12.28 14.26
C ARG A 235 27.46 -11.52 14.64
N LEU A 236 26.90 -10.78 13.69
CA LEU A 236 25.66 -10.04 13.95
C LEU A 236 24.45 -10.89 13.60
N PRO A 237 23.72 -11.34 14.61
CA PRO A 237 22.53 -12.15 14.30
C PRO A 237 21.48 -11.31 13.57
N ALA A 238 20.87 -11.86 12.52
CA ALA A 238 19.89 -11.10 11.77
C ALA A 238 18.69 -11.88 11.22
N ASP A 239 17.52 -11.27 11.34
CA ASP A 239 16.29 -11.87 10.83
C ASP A 239 16.10 -11.34 9.41
N LEU A 240 16.64 -10.14 9.16
CA LEU A 240 16.50 -9.50 7.86
C LEU A 240 17.75 -8.72 7.49
N VAL A 241 18.14 -8.77 6.22
CA VAL A 241 19.31 -8.02 5.78
C VAL A 241 19.03 -7.21 4.52
N ILE A 242 19.25 -5.91 4.58
CA ILE A 242 19.04 -5.05 3.44
C ILE A 242 20.36 -4.42 3.05
N ALA A 243 20.72 -4.56 1.79
CA ALA A 243 21.96 -3.98 1.30
C ALA A 243 21.69 -2.83 0.36
N GLY A 244 22.44 -1.75 0.53
CA GLY A 244 22.28 -0.59 -0.33
C GLY A 244 23.66 0.01 -0.47
N ILE A 245 24.53 -0.68 -1.22
CA ILE A 245 25.89 -0.19 -1.37
C ILE A 245 26.16 0.56 -2.65
N GLY A 246 25.14 1.14 -3.23
CA GLY A 246 25.36 1.89 -4.44
C GLY A 246 24.58 1.40 -5.64
N LEU A 247 24.82 2.03 -6.78
CA LEU A 247 24.13 1.74 -8.02
C LEU A 247 25.11 1.61 -9.16
N ILE A 248 24.87 0.70 -10.10
CA ILE A 248 25.73 0.55 -11.27
C ILE A 248 24.92 1.02 -12.48
N PRO A 249 25.41 2.06 -13.19
CA PRO A 249 24.65 2.51 -14.35
C PRO A 249 24.52 1.43 -15.42
N ASN A 250 23.32 1.29 -15.95
CA ASN A 250 23.03 0.31 -16.99
C ASN A 250 23.47 0.86 -18.34
N CYS A 251 24.77 0.83 -18.60
CA CYS A 251 25.29 1.34 -19.85
C CYS A 251 25.68 0.24 -20.86
N GLU A 252 25.38 -1.01 -20.54
CA GLU A 252 25.72 -2.14 -21.39
C GLU A 252 25.29 -1.92 -22.85
N LEU A 253 24.02 -1.61 -23.03
CA LEU A 253 23.44 -1.35 -24.34
C LEU A 253 24.30 -0.40 -25.16
N ALA A 254 24.73 0.68 -24.53
CA ALA A 254 25.53 1.68 -25.21
C ALA A 254 26.95 1.23 -25.48
N SER A 255 27.56 0.55 -24.51
CA SER A 255 28.93 0.09 -24.67
C SER A 255 29.02 -0.88 -25.83
N ALA A 256 28.11 -1.87 -25.83
CA ALA A 256 28.08 -2.88 -26.88
C ALA A 256 27.91 -2.25 -28.26
N ALA A 257 27.32 -1.06 -28.32
CA ALA A 257 27.08 -0.39 -29.60
C ALA A 257 28.20 0.57 -29.99
N GLY A 258 29.25 0.64 -29.17
CA GLY A 258 30.35 1.52 -29.49
C GLY A 258 30.26 2.93 -28.92
N LEU A 259 29.19 3.26 -28.20
CA LEU A 259 29.03 4.59 -27.62
C LEU A 259 29.99 4.77 -26.42
N GLN A 260 30.67 5.91 -26.34
CA GLN A 260 31.60 6.12 -25.24
C GLN A 260 30.95 5.94 -23.87
N VAL A 261 31.64 5.19 -23.01
CA VAL A 261 31.15 4.88 -21.68
C VAL A 261 32.26 5.02 -20.64
N ASP A 262 31.88 5.49 -19.45
CA ASP A 262 32.80 5.67 -18.34
C ASP A 262 31.97 5.91 -17.10
N ASN A 263 31.61 4.83 -16.40
CA ASN A 263 30.77 4.93 -15.21
C ASN A 263 29.57 5.78 -15.62
N GLY A 264 28.90 5.31 -16.66
CA GLY A 264 27.73 5.98 -17.21
C GLY A 264 27.88 6.23 -18.70
N ILE A 265 26.75 6.48 -19.35
CA ILE A 265 26.72 6.76 -20.78
C ILE A 265 27.11 8.20 -20.93
N VAL A 266 28.20 8.47 -21.63
CA VAL A 266 28.67 9.85 -21.78
C VAL A 266 27.84 10.64 -22.78
N ILE A 267 27.46 11.86 -22.41
CA ILE A 267 26.66 12.70 -23.28
C ILE A 267 27.17 14.13 -23.24
N ASN A 268 26.93 14.85 -24.33
CA ASN A 268 27.36 16.23 -24.44
C ASN A 268 26.31 17.17 -23.85
N GLU A 269 26.47 18.45 -24.15
CA GLU A 269 25.59 19.50 -23.66
C GLU A 269 24.15 19.35 -24.17
N HIS A 270 23.99 18.63 -25.29
CA HIS A 270 22.65 18.39 -25.85
C HIS A 270 22.15 16.99 -25.51
N MET A 271 22.76 16.39 -24.49
CA MET A 271 22.38 15.05 -24.04
C MET A 271 22.70 13.98 -25.07
N GLN A 272 23.49 14.30 -26.09
CA GLN A 272 23.80 13.31 -27.10
C GLN A 272 25.01 12.47 -26.78
N THR A 273 24.93 11.21 -27.18
CA THR A 273 26.01 10.25 -27.01
C THR A 273 26.90 10.43 -28.22
N SER A 274 27.88 9.56 -28.38
CA SER A 274 28.80 9.62 -29.52
C SER A 274 28.05 9.61 -30.86
N ASP A 275 26.81 9.15 -30.84
CA ASP A 275 25.97 9.08 -32.03
C ASP A 275 24.89 10.15 -31.89
N PRO A 276 24.90 11.16 -32.78
CA PRO A 276 23.94 12.27 -32.80
C PRO A 276 22.48 11.86 -32.62
N LEU A 277 22.10 10.71 -33.13
CA LEU A 277 20.73 10.24 -33.02
C LEU A 277 20.40 9.60 -31.67
N ILE A 278 21.43 9.40 -30.84
CA ILE A 278 21.20 8.76 -29.55
C ILE A 278 21.55 9.64 -28.36
N MET A 279 20.57 9.81 -27.48
CA MET A 279 20.75 10.62 -26.28
C MET A 279 20.58 9.73 -25.05
N ALA A 280 21.03 10.19 -23.89
CA ALA A 280 20.87 9.41 -22.68
C ALA A 280 20.41 10.41 -21.62
N VAL A 281 19.64 9.94 -20.64
CA VAL A 281 19.11 10.80 -19.60
C VAL A 281 18.95 10.03 -18.27
N GLY A 282 19.01 10.74 -17.15
CA GLY A 282 18.83 10.11 -15.85
C GLY A 282 20.04 9.48 -15.16
N ASP A 283 19.74 8.49 -14.31
CA ASP A 283 20.73 7.76 -13.52
C ASP A 283 21.91 7.24 -14.31
N CYS A 284 21.63 6.83 -15.54
CA CYS A 284 22.62 6.25 -16.41
C CYS A 284 23.51 7.22 -17.17
N ALA A 285 23.22 8.52 -17.09
CA ALA A 285 23.99 9.47 -17.87
C ALA A 285 25.09 10.26 -17.17
N ARG A 286 26.28 10.21 -17.76
CA ARG A 286 27.41 10.94 -17.23
C ARG A 286 27.57 12.15 -18.11
N PHE A 287 27.61 13.33 -17.50
CA PHE A 287 27.75 14.54 -18.29
C PHE A 287 28.65 15.57 -17.62
N HIS A 288 29.06 16.54 -18.41
CA HIS A 288 29.92 17.58 -17.94
C HIS A 288 29.07 18.70 -17.35
N SER A 289 29.09 18.82 -16.03
CA SER A 289 28.34 19.87 -15.35
C SER A 289 28.86 21.27 -15.64
N GLN A 290 27.98 22.14 -16.10
CA GLN A 290 28.36 23.50 -16.41
C GLN A 290 28.73 24.21 -15.11
N LEU A 291 27.83 24.14 -14.13
CA LEU A 291 28.01 24.75 -12.81
C LEU A 291 29.26 24.29 -12.05
N TYR A 292 29.66 23.05 -12.23
CA TYR A 292 30.81 22.56 -11.47
C TYR A 292 32.03 22.24 -12.28
N ASP A 293 31.90 22.38 -13.60
CA ASP A 293 33.02 22.12 -14.51
C ASP A 293 33.70 20.81 -14.20
N ARG A 294 32.94 19.72 -14.18
CA ARG A 294 33.49 18.40 -13.93
C ARG A 294 32.50 17.36 -14.39
N TRP A 295 32.99 16.18 -14.77
CA TRP A 295 32.09 15.13 -15.23
C TRP A 295 31.40 14.54 -14.04
N VAL A 296 30.07 14.48 -14.09
CA VAL A 296 29.33 13.96 -12.97
C VAL A 296 28.16 13.10 -13.42
N ARG A 297 27.60 12.34 -12.49
CA ARG A 297 26.45 11.50 -12.77
C ARG A 297 25.56 11.59 -11.55
N ILE A 298 24.45 12.30 -11.69
CA ILE A 298 23.52 12.50 -10.60
C ILE A 298 22.44 11.46 -10.60
N GLU A 299 22.13 10.93 -9.41
CA GLU A 299 21.07 9.93 -9.27
C GLU A 299 19.98 10.56 -8.41
N SER A 300 19.17 11.43 -9.01
CA SER A 300 18.09 12.07 -8.27
C SER A 300 16.88 12.40 -9.11
N VAL A 301 15.76 12.62 -8.45
CA VAL A 301 14.53 12.96 -9.16
C VAL A 301 14.62 14.30 -9.91
N PRO A 302 15.13 15.36 -9.26
CA PRO A 302 15.23 16.64 -9.96
C PRO A 302 16.13 16.58 -11.19
N ASN A 303 17.23 15.84 -11.07
CA ASN A 303 18.16 15.73 -12.19
C ASN A 303 17.50 15.02 -13.36
N ALA A 304 16.69 13.99 -13.08
CA ALA A 304 15.99 13.27 -14.13
C ALA A 304 14.91 14.18 -14.76
N LEU A 305 14.19 14.94 -13.93
CA LEU A 305 13.17 15.83 -14.47
C LEU A 305 13.82 16.90 -15.33
N GLU A 306 14.97 17.38 -14.87
CA GLU A 306 15.69 18.44 -15.57
C GLU A 306 16.22 17.98 -16.92
N GLN A 307 16.88 16.82 -16.91
CA GLN A 307 17.46 16.29 -18.13
C GLN A 307 16.39 15.86 -19.14
N ALA A 308 15.27 15.36 -18.66
CA ALA A 308 14.22 14.93 -19.58
C ALA A 308 13.64 16.17 -20.28
N ARG A 309 13.49 17.27 -19.54
CA ARG A 309 12.96 18.48 -20.12
C ARG A 309 13.93 19.07 -21.14
N LYS A 310 15.22 18.92 -20.85
CA LYS A 310 16.26 19.42 -21.75
C LYS A 310 16.18 18.66 -23.07
N ILE A 311 15.92 17.36 -22.98
CA ILE A 311 15.80 16.50 -24.13
C ILE A 311 14.58 16.88 -24.93
N ALA A 312 13.45 17.04 -24.24
CA ALA A 312 12.20 17.42 -24.90
C ALA A 312 12.46 18.69 -25.71
N ALA A 313 13.07 19.68 -25.06
CA ALA A 313 13.37 20.94 -25.72
C ALA A 313 14.21 20.75 -26.98
N ILE A 314 15.37 20.15 -26.83
CA ILE A 314 16.24 19.94 -27.97
C ILE A 314 15.57 19.27 -29.16
N LEU A 315 14.88 18.16 -28.94
CA LEU A 315 14.22 17.45 -30.04
C LEU A 315 13.08 18.26 -30.66
N CYS A 316 12.56 19.24 -29.93
CA CYS A 316 11.47 20.06 -30.47
C CYS A 316 11.99 21.39 -30.98
N GLY A 317 13.30 21.49 -31.15
CA GLY A 317 13.88 22.72 -31.64
C GLY A 317 13.86 23.90 -30.68
N LYS A 318 13.47 23.69 -29.44
CA LYS A 318 13.48 24.80 -28.50
C LYS A 318 14.92 25.01 -27.99
N VAL A 319 15.16 26.16 -27.36
CA VAL A 319 16.49 26.46 -26.84
C VAL A 319 16.51 25.87 -25.42
N PRO A 320 17.43 24.93 -25.16
CA PRO A 320 17.51 24.31 -23.84
C PRO A 320 17.70 25.33 -22.72
N ARG A 321 17.29 24.94 -21.52
CA ARG A 321 17.39 25.79 -20.33
C ARG A 321 18.73 25.63 -19.61
N ASP A 322 19.14 26.66 -18.88
CA ASP A 322 20.40 26.64 -18.12
C ASP A 322 20.38 25.56 -17.05
N GLU A 323 21.53 24.93 -16.82
CA GLU A 323 21.62 23.89 -15.81
C GLU A 323 21.13 24.45 -14.47
N ALA A 324 20.17 23.78 -13.85
CA ALA A 324 19.68 24.26 -12.58
C ALA A 324 20.47 23.60 -11.45
N ALA A 325 20.45 24.25 -10.30
CA ALA A 325 21.13 23.74 -9.13
C ALA A 325 20.58 22.34 -8.94
N PRO A 326 21.47 21.35 -8.79
CA PRO A 326 20.90 20.02 -8.59
C PRO A 326 20.50 19.94 -7.13
N TRP A 327 19.44 19.20 -6.82
CA TRP A 327 19.06 19.06 -5.45
C TRP A 327 18.53 17.66 -5.17
N PHE A 328 18.30 17.36 -3.91
CA PHE A 328 17.91 16.01 -3.51
C PHE A 328 17.33 16.13 -2.10
N TRP A 329 16.63 15.13 -1.63
CA TRP A 329 16.12 15.23 -0.27
C TRP A 329 15.99 13.83 0.33
N SER A 330 15.88 13.79 1.65
CA SER A 330 15.77 12.56 2.41
C SER A 330 14.95 12.82 3.68
N ASP A 331 14.11 11.88 4.06
CA ASP A 331 13.27 12.03 5.25
C ASP A 331 13.68 10.94 6.24
N GLN A 332 14.20 11.33 7.39
CA GLN A 332 14.59 10.35 8.38
C GLN A 332 13.95 10.70 9.70
N TYR A 333 13.07 9.82 10.16
CA TYR A 333 12.33 10.10 11.38
C TYR A 333 11.45 11.27 10.96
N GLU A 334 11.37 12.33 11.75
CA GLU A 334 10.50 13.42 11.33
C GLU A 334 11.32 14.62 10.82
N ILE A 335 12.58 14.37 10.54
CA ILE A 335 13.50 15.41 10.08
C ILE A 335 13.49 15.56 8.57
N GLY A 336 13.34 16.79 8.09
CA GLY A 336 13.34 17.04 6.67
C GLY A 336 14.73 17.45 6.21
N LEU A 337 15.36 16.59 5.43
CA LEU A 337 16.70 16.86 4.93
C LEU A 337 16.59 17.26 3.45
N LYS A 338 17.21 18.38 3.08
CA LYS A 338 17.17 18.85 1.68
C LYS A 338 18.56 19.33 1.32
N MET A 339 19.13 18.79 0.25
CA MET A 339 20.48 19.17 -0.15
C MET A 339 20.53 19.74 -1.55
N VAL A 340 21.01 20.96 -1.70
CA VAL A 340 21.11 21.53 -3.05
C VAL A 340 22.60 21.61 -3.41
N GLY A 341 22.93 21.38 -4.67
CA GLY A 341 24.30 21.44 -5.13
C GLY A 341 25.16 20.21 -4.82
N LEU A 342 26.44 20.29 -5.18
CA LEU A 342 27.36 19.19 -4.95
C LEU A 342 28.52 19.69 -4.10
N SER A 343 28.69 19.11 -2.93
CA SER A 343 29.74 19.57 -2.02
C SER A 343 31.19 19.17 -2.32
N GLU A 344 31.38 18.08 -3.07
CA GLU A 344 32.75 17.63 -3.36
C GLU A 344 33.75 18.73 -3.67
N GLY A 345 34.85 18.74 -2.92
CA GLY A 345 35.91 19.71 -3.14
C GLY A 345 35.82 21.03 -2.40
N TYR A 346 34.94 21.12 -1.40
CA TYR A 346 34.79 22.36 -0.64
C TYR A 346 36.02 22.66 0.22
N ASP A 347 36.31 23.96 0.38
CA ASP A 347 37.44 24.41 1.18
C ASP A 347 37.05 24.74 2.62
N ARG A 348 35.77 24.97 2.85
CA ARG A 348 35.27 25.30 4.17
C ARG A 348 33.76 25.24 4.20
N ILE A 349 33.20 25.28 5.40
CA ILE A 349 31.76 25.25 5.58
C ILE A 349 31.39 26.42 6.49
N ILE A 350 30.14 26.85 6.40
CA ILE A 350 29.64 27.92 7.24
C ILE A 350 28.29 27.44 7.74
N VAL A 351 28.16 27.32 9.05
CA VAL A 351 26.95 26.85 9.66
C VAL A 351 26.03 27.98 10.10
N ARG A 352 24.79 27.94 9.62
CA ARG A 352 23.79 28.94 9.93
C ARG A 352 22.81 28.28 10.89
N GLY A 353 22.93 28.65 12.17
CA GLY A 353 22.09 28.07 13.19
C GLY A 353 23.00 27.26 14.09
N SER A 354 22.44 26.33 14.85
CA SER A 354 23.27 25.53 15.74
C SER A 354 23.15 24.06 15.44
N LEU A 355 24.30 23.41 15.28
CA LEU A 355 24.33 21.97 14.99
C LEU A 355 23.74 21.15 16.14
N ALA A 356 23.45 21.81 17.25
CA ALA A 356 22.89 21.14 18.42
C ALA A 356 21.37 20.92 18.32
N GLN A 357 20.73 21.54 17.34
CA GLN A 357 19.29 21.38 17.18
C GLN A 357 19.00 20.81 15.82
N PRO A 358 17.77 20.30 15.59
CA PRO A 358 17.40 19.74 14.29
C PRO A 358 16.82 20.89 13.48
N ASP A 359 17.59 21.98 13.38
CA ASP A 359 17.21 23.18 12.66
C ASP A 359 18.44 24.04 12.32
N PHE A 360 19.01 23.81 11.15
CA PHE A 360 20.19 24.56 10.72
C PHE A 360 20.49 24.35 9.24
N SER A 361 21.39 25.18 8.72
CA SER A 361 21.83 25.10 7.34
C SER A 361 23.36 25.07 7.30
N VAL A 362 23.91 24.21 6.45
CA VAL A 362 25.36 24.12 6.31
C VAL A 362 25.71 24.55 4.88
N PHE A 363 26.51 25.60 4.75
CA PHE A 363 26.92 26.09 3.44
C PHE A 363 28.33 25.61 3.17
N TYR A 364 28.52 24.94 2.03
CA TYR A 364 29.83 24.45 1.63
C TYR A 364 30.38 25.42 0.61
N LEU A 365 31.59 25.91 0.84
CA LEU A 365 32.17 26.87 -0.08
C LEU A 365 33.51 26.49 -0.63
N GLN A 366 33.83 27.12 -1.76
CA GLN A 366 35.08 26.93 -2.45
C GLN A 366 35.41 28.38 -2.69
N GLY A 367 36.39 28.88 -1.96
CA GLY A 367 36.74 30.27 -2.07
C GLY A 367 35.54 31.03 -1.54
N ASP A 368 35.02 31.95 -2.33
CA ASP A 368 33.84 32.69 -1.89
C ASP A 368 32.60 32.27 -2.66
N ARG A 369 32.67 31.08 -3.25
CA ARG A 369 31.58 30.53 -4.01
C ARG A 369 30.84 29.49 -3.18
N VAL A 370 29.52 29.45 -3.29
CA VAL A 370 28.72 28.46 -2.58
C VAL A 370 28.50 27.28 -3.52
N LEU A 371 29.02 26.12 -3.11
CA LEU A 371 28.88 24.91 -3.90
C LEU A 371 27.61 24.16 -3.54
N ALA A 372 27.30 24.10 -2.26
CA ALA A 372 26.12 23.37 -1.87
C ALA A 372 25.62 23.81 -0.50
N VAL A 373 24.41 23.37 -0.20
CA VAL A 373 23.79 23.67 1.07
C VAL A 373 23.04 22.47 1.57
N ASP A 374 23.35 22.05 2.79
CA ASP A 374 22.65 20.96 3.43
C ASP A 374 21.73 21.67 4.42
N THR A 375 20.45 21.35 4.43
CA THR A 375 19.52 21.97 5.35
C THR A 375 18.78 20.90 6.14
N VAL A 376 18.49 21.22 7.39
CA VAL A 376 17.78 20.31 8.27
C VAL A 376 16.57 21.11 8.74
N ASN A 377 15.38 20.64 8.40
CA ASN A 377 14.14 21.32 8.76
C ASN A 377 14.09 22.79 8.35
N ARG A 378 14.68 23.13 7.22
CA ARG A 378 14.67 24.51 6.77
C ARG A 378 14.32 24.54 5.30
N PRO A 379 13.07 24.22 4.98
CA PRO A 379 12.59 24.19 3.60
C PRO A 379 12.73 25.52 2.88
N VAL A 380 12.51 26.62 3.59
CA VAL A 380 12.58 27.92 2.96
C VAL A 380 14.01 28.37 2.65
N GLU A 381 14.94 28.21 3.59
CA GLU A 381 16.31 28.60 3.28
C GLU A 381 16.79 27.66 2.20
N PHE A 382 16.33 26.42 2.27
CA PHE A 382 16.70 25.45 1.27
C PHE A 382 16.30 25.90 -0.13
N ASN A 383 15.01 26.17 -0.32
CA ASN A 383 14.49 26.60 -1.61
C ASN A 383 15.17 27.87 -2.12
N GLN A 384 15.47 28.81 -1.23
CA GLN A 384 16.12 30.05 -1.63
C GLN A 384 17.56 29.84 -2.06
N SER A 385 18.20 28.81 -1.52
CA SER A 385 19.58 28.51 -1.86
C SER A 385 19.72 28.03 -3.28
N LYS A 386 18.63 27.56 -3.87
CA LYS A 386 18.70 27.08 -5.24
C LYS A 386 19.09 28.23 -6.17
N GLN A 387 18.53 29.42 -5.97
CA GLN A 387 18.90 30.52 -6.85
C GLN A 387 20.33 30.95 -6.66
N ILE A 388 20.84 30.81 -5.44
CA ILE A 388 22.22 31.19 -5.18
C ILE A 388 23.05 30.37 -6.14
N ILE A 389 22.80 29.06 -6.17
CA ILE A 389 23.59 28.23 -7.05
C ILE A 389 23.16 28.32 -8.51
N THR A 390 21.87 28.14 -8.78
CA THR A 390 21.39 28.22 -10.15
C THR A 390 21.81 29.54 -10.81
N ASP A 391 21.60 30.65 -10.12
CA ASP A 391 21.95 31.94 -10.70
C ASP A 391 23.35 32.46 -10.39
N ARG A 392 24.18 31.59 -9.82
CA ARG A 392 25.53 31.95 -9.41
C ARG A 392 25.67 33.36 -8.83
N LEU A 393 24.84 33.65 -7.82
CA LEU A 393 24.87 34.93 -7.13
C LEU A 393 26.10 35.07 -6.23
N PRO A 394 26.73 36.25 -6.24
CA PRO A 394 27.92 36.48 -5.41
C PRO A 394 27.48 36.86 -3.99
N VAL A 395 26.93 35.88 -3.29
CA VAL A 395 26.46 36.08 -1.93
C VAL A 395 27.64 36.34 -0.98
N GLU A 396 27.43 37.21 -0.01
CA GLU A 396 28.45 37.56 0.96
C GLU A 396 28.65 36.44 2.00
N PRO A 397 29.82 35.80 2.00
CA PRO A 397 30.11 34.70 2.94
C PRO A 397 30.03 35.06 4.43
N ASN A 398 30.54 36.24 4.81
CA ASN A 398 30.52 36.65 6.21
C ASN A 398 29.12 36.94 6.78
N LEU A 399 28.07 36.75 5.97
CA LEU A 399 26.70 36.97 6.45
C LEU A 399 25.94 35.66 6.56
N LEU A 400 26.34 34.66 5.79
CA LEU A 400 25.67 33.35 5.85
C LEU A 400 25.40 32.87 7.26
N GLY A 401 26.38 33.05 8.15
CA GLY A 401 26.25 32.63 9.54
C GLY A 401 25.43 33.54 10.44
N ASP A 402 25.32 34.82 10.08
CA ASP A 402 24.55 35.77 10.89
C ASP A 402 23.04 35.59 10.66
N GLU A 403 22.39 34.81 11.53
CA GLU A 403 20.95 34.56 11.40
C GLU A 403 20.05 35.78 11.62
N SER A 404 20.61 36.89 12.11
CA SER A 404 19.80 38.08 12.32
C SER A 404 19.49 38.72 10.96
N VAL A 405 20.26 38.34 9.95
CA VAL A 405 20.09 38.84 8.59
C VAL A 405 19.45 37.76 7.76
N PRO A 406 18.17 37.95 7.40
CA PRO A 406 17.37 37.01 6.59
C PRO A 406 18.12 36.58 5.35
N LEU A 407 17.99 35.31 4.97
CA LEU A 407 18.67 34.83 3.77
C LEU A 407 18.10 35.50 2.50
N LYS A 408 16.83 35.89 2.49
CA LYS A 408 16.24 36.52 1.28
C LYS A 408 17.02 37.78 0.97
N GLU A 409 17.28 38.53 2.05
CA GLU A 409 18.02 39.82 1.92
C GLU A 409 19.46 39.64 1.44
N ILE A 410 20.11 38.63 2.01
CA ILE A 410 21.46 38.34 1.60
C ILE A 410 21.50 37.97 0.11
N ILE A 411 20.52 37.18 -0.33
CA ILE A 411 20.43 36.80 -1.73
C ILE A 411 20.06 38.05 -2.56
N ALA A 412 19.01 38.75 -2.15
CA ALA A 412 18.58 39.96 -2.86
C ALA A 412 19.74 40.96 -3.03
N ALA A 413 20.59 41.06 -2.02
CA ALA A 413 21.71 41.98 -2.10
C ALA A 413 22.71 41.55 -3.16
N ALA A 414 22.90 40.25 -3.29
CA ALA A 414 23.82 39.70 -4.28
C ALA A 414 23.21 39.79 -5.68
N LYS A 415 21.92 39.50 -5.77
CA LYS A 415 21.18 39.55 -7.03
C LYS A 415 21.15 40.96 -7.61
N ALA A 416 21.57 41.94 -6.83
CA ALA A 416 21.57 43.34 -7.28
C ALA A 416 22.97 43.87 -7.54
N GLU A 417 23.99 43.16 -7.08
CA GLU A 417 25.36 43.61 -7.28
C GLU A 417 26.21 42.50 -7.90
N LEU A 418 25.72 41.93 -9.00
CA LEU A 418 26.44 40.85 -9.69
C LEU A 418 27.87 41.25 -10.01
N SER A 419 28.08 42.53 -10.26
CA SER A 419 29.41 43.05 -10.57
C SER A 419 30.26 43.06 -9.30
N ASN B 1 -6.59 -15.44 35.41
CA ASN B 1 -5.77 -15.40 36.66
C ASN B 1 -4.28 -15.69 36.40
N ALA B 2 -3.45 -15.09 37.24
CA ALA B 2 -1.99 -15.15 37.20
C ALA B 2 -1.18 -16.37 36.77
N ASN B 3 -1.57 -17.58 37.17
CA ASN B 3 -0.76 -18.75 36.82
C ASN B 3 -1.12 -19.38 35.50
N ASP B 4 -2.41 -19.36 35.18
CA ASP B 4 -2.90 -19.96 33.95
C ASP B 4 -2.29 -19.35 32.71
N ASN B 5 -1.63 -20.20 31.93
CA ASN B 5 -1.00 -19.79 30.69
C ASN B 5 -1.90 -20.32 29.61
N VAL B 6 -2.28 -19.47 28.67
CA VAL B 6 -3.12 -19.90 27.57
C VAL B 6 -2.28 -19.77 26.32
N VAL B 7 -2.28 -20.80 25.49
CA VAL B 7 -1.53 -20.81 24.24
C VAL B 7 -2.52 -20.86 23.08
N ILE B 8 -2.33 -19.95 22.13
CA ILE B 8 -3.20 -19.86 20.97
C ILE B 8 -2.39 -20.20 19.72
N VAL B 9 -2.74 -21.30 19.06
CA VAL B 9 -2.04 -21.70 17.85
C VAL B 9 -2.78 -21.10 16.66
N GLY B 10 -2.15 -20.14 16.00
CA GLY B 10 -2.77 -19.50 14.84
C GLY B 10 -2.91 -18.00 15.08
N THR B 11 -2.38 -17.21 14.16
CA THR B 11 -2.43 -15.77 14.30
C THR B 11 -3.29 -15.09 13.24
N GLY B 12 -4.41 -15.70 12.89
CA GLY B 12 -5.32 -15.08 11.94
C GLY B 12 -6.25 -14.24 12.78
N LEU B 13 -7.36 -13.75 12.21
CA LEU B 13 -8.32 -12.93 12.96
C LEU B 13 -8.74 -13.65 14.26
N ALA B 14 -9.23 -14.87 14.12
CA ALA B 14 -9.69 -15.63 15.29
C ALA B 14 -8.66 -15.65 16.42
N GLY B 15 -7.45 -16.11 16.12
CA GLY B 15 -6.41 -16.19 17.13
C GLY B 15 -6.08 -14.94 17.91
N VAL B 16 -5.85 -13.83 17.23
CA VAL B 16 -5.50 -12.62 17.97
C VAL B 16 -6.73 -11.99 18.62
N GLU B 17 -7.90 -12.25 18.06
CA GLU B 17 -9.11 -11.70 18.64
C GLU B 17 -9.30 -12.35 20.02
N VAL B 18 -9.03 -13.65 20.10
CA VAL B 18 -9.11 -14.35 21.37
C VAL B 18 -8.07 -13.75 22.32
N ALA B 19 -6.86 -13.51 21.78
CA ALA B 19 -5.75 -12.95 22.56
C ALA B 19 -6.14 -11.65 23.24
N PHE B 20 -6.44 -10.65 22.42
CA PHE B 20 -6.83 -9.36 22.97
C PHE B 20 -8.14 -9.43 23.72
N GLY B 21 -9.06 -10.27 23.23
CA GLY B 21 -10.34 -10.43 23.89
C GLY B 21 -10.13 -10.91 25.31
N LEU B 22 -9.23 -11.87 25.47
CA LEU B 22 -8.92 -12.39 26.79
C LEU B 22 -8.52 -11.21 27.66
N ARG B 23 -7.57 -10.43 27.16
CA ARG B 23 -7.08 -9.27 27.89
C ARG B 23 -8.18 -8.27 28.22
N ALA B 24 -9.06 -8.00 27.25
CA ALA B 24 -10.16 -7.06 27.49
C ALA B 24 -11.10 -7.56 28.57
N SER B 25 -11.30 -8.88 28.65
CA SER B 25 -12.23 -9.44 29.64
C SER B 25 -11.56 -9.65 31.00
N GLY B 26 -10.36 -9.14 31.14
CA GLY B 26 -9.67 -9.25 32.41
C GLY B 26 -8.83 -10.49 32.69
N TRP B 27 -8.35 -11.18 31.66
CA TRP B 27 -7.50 -12.35 31.90
C TRP B 27 -6.15 -11.82 32.36
N GLU B 28 -5.65 -12.31 33.49
CA GLU B 28 -4.38 -11.84 34.03
C GLU B 28 -3.17 -12.74 33.74
N GLY B 29 -3.42 -14.00 33.40
CA GLY B 29 -2.31 -14.90 33.10
C GLY B 29 -1.57 -14.62 31.80
N ASN B 30 -0.61 -15.47 31.46
CA ASN B 30 0.14 -15.29 30.22
C ASN B 30 -0.74 -15.60 29.01
N ILE B 31 -0.36 -15.04 27.87
CA ILE B 31 -1.04 -15.29 26.61
C ILE B 31 0.05 -15.39 25.57
N ARG B 32 0.03 -16.46 24.77
CA ARG B 32 1.04 -16.62 23.72
C ARG B 32 0.40 -16.94 22.38
N LEU B 33 0.56 -16.06 21.40
CA LEU B 33 0.04 -16.33 20.06
C LEU B 33 1.21 -16.97 19.32
N VAL B 34 0.99 -18.16 18.78
CA VAL B 34 2.04 -18.87 18.05
C VAL B 34 1.51 -19.23 16.67
N GLY B 35 2.11 -18.67 15.62
CA GLY B 35 1.65 -18.95 14.28
C GLY B 35 2.75 -19.04 13.26
N ASP B 36 2.58 -19.90 12.27
CA ASP B 36 3.59 -20.08 11.23
C ASP B 36 3.77 -18.87 10.34
N ALA B 37 2.74 -18.04 10.24
CA ALA B 37 2.87 -16.86 9.39
C ALA B 37 3.89 -15.95 10.06
N THR B 38 4.67 -15.25 9.26
CA THR B 38 5.70 -14.36 9.80
C THR B 38 5.24 -12.91 9.87
N VAL B 39 4.42 -12.49 8.91
CA VAL B 39 3.89 -11.13 8.86
C VAL B 39 3.04 -10.78 10.08
N ILE B 40 2.91 -9.48 10.34
CA ILE B 40 2.08 -9.02 11.44
C ILE B 40 0.61 -9.32 11.07
N PRO B 41 -0.16 -9.84 12.04
CA PRO B 41 -1.58 -10.17 11.80
C PRO B 41 -2.33 -9.06 11.08
N HIS B 42 -3.00 -9.41 9.98
CA HIS B 42 -3.73 -8.44 9.18
C HIS B 42 -5.12 -8.91 8.76
N HIS B 43 -5.95 -8.00 8.26
CA HIS B 43 -7.29 -8.38 7.80
C HIS B 43 -7.15 -9.15 6.51
N LEU B 44 -8.11 -9.98 6.17
CA LEU B 44 -8.07 -10.74 4.92
C LEU B 44 -8.98 -10.18 3.84
N PRO B 45 -10.15 -9.64 4.23
CA PRO B 45 -11.06 -9.09 3.23
C PRO B 45 -10.46 -8.16 2.17
N PRO B 46 -9.72 -7.11 2.58
CA PRO B 46 -9.16 -6.23 1.55
C PRO B 46 -8.23 -6.86 0.50
N LEU B 47 -7.63 -8.02 0.81
CA LEU B 47 -6.74 -8.69 -0.13
C LEU B 47 -7.36 -9.05 -1.47
N SER B 48 -8.67 -8.90 -1.58
CA SER B 48 -9.35 -9.19 -2.85
C SER B 48 -10.22 -8.01 -3.19
N LYS B 49 -10.19 -7.01 -2.32
CA LYS B 49 -10.96 -5.81 -2.51
C LYS B 49 -10.06 -4.59 -2.70
N ALA B 50 -10.24 -3.57 -1.88
CA ALA B 50 -9.47 -2.35 -1.99
C ALA B 50 -7.96 -2.52 -2.13
N TYR B 51 -7.34 -3.21 -1.18
CA TYR B 51 -5.89 -3.42 -1.23
C TYR B 51 -5.46 -3.99 -2.55
N LEU B 52 -6.16 -5.01 -3.00
CA LEU B 52 -5.83 -5.68 -4.26
C LEU B 52 -5.87 -4.69 -5.42
N ALA B 53 -6.64 -3.63 -5.26
CA ALA B 53 -6.75 -2.60 -6.29
C ALA B 53 -5.73 -1.51 -6.00
N GLY B 54 -4.90 -1.72 -4.98
CA GLY B 54 -3.90 -0.76 -4.61
C GLY B 54 -4.53 0.51 -4.09
N LYS B 55 -5.75 0.43 -3.58
CA LYS B 55 -6.40 1.64 -3.08
C LYS B 55 -6.40 1.77 -1.57
N ALA B 56 -5.76 0.82 -0.90
CA ALA B 56 -5.67 0.86 0.57
C ALA B 56 -4.21 0.81 0.99
N THR B 57 -3.90 1.34 2.18
CA THR B 57 -2.52 1.30 2.66
C THR B 57 -2.27 -0.04 3.32
N ALA B 58 -1.01 -0.44 3.39
CA ALA B 58 -0.63 -1.71 4.02
C ALA B 58 -0.89 -1.64 5.52
N GLU B 59 -0.75 -0.44 6.10
CA GLU B 59 -0.98 -0.31 7.52
C GLU B 59 -2.46 -0.45 7.86
N SER B 60 -3.32 -0.12 6.89
CA SER B 60 -4.76 -0.22 7.14
C SER B 60 -5.13 -1.69 7.32
N LEU B 61 -4.26 -2.59 6.88
CA LEU B 61 -4.52 -4.03 7.00
C LEU B 61 -4.20 -4.66 8.36
N TYR B 62 -3.56 -3.93 9.27
CA TYR B 62 -3.22 -4.49 10.58
C TYR B 62 -4.47 -4.74 11.43
N LEU B 63 -4.46 -5.82 12.20
CA LEU B 63 -5.58 -6.12 13.09
C LEU B 63 -5.37 -5.27 14.32
N ARG B 64 -4.11 -5.14 14.73
CA ARG B 64 -3.71 -4.34 15.89
C ARG B 64 -2.31 -3.79 15.58
N THR B 65 -2.00 -2.60 16.07
CA THR B 65 -0.68 -2.01 15.83
C THR B 65 0.38 -2.92 16.43
N PRO B 66 1.53 -3.07 15.75
CA PRO B 66 2.59 -3.93 16.24
C PRO B 66 2.97 -3.80 17.72
N ASP B 67 2.82 -2.63 18.31
CA ASP B 67 3.17 -2.53 19.73
C ASP B 67 1.98 -2.68 20.67
N ALA B 68 0.80 -3.01 20.13
CA ALA B 68 -0.37 -3.20 20.96
C ALA B 68 -0.18 -4.50 21.71
N TYR B 69 0.54 -5.43 21.10
CA TYR B 69 0.80 -6.71 21.74
C TYR B 69 1.66 -6.49 22.99
N ALA B 70 2.67 -5.63 22.87
CA ALA B 70 3.57 -5.33 23.99
C ALA B 70 2.79 -4.68 25.12
N ALA B 71 1.92 -3.74 24.78
CA ALA B 71 1.11 -3.04 25.77
C ALA B 71 0.14 -3.99 26.48
N GLN B 72 -0.48 -4.90 25.72
CA GLN B 72 -1.42 -5.88 26.26
C GLN B 72 -0.72 -7.08 26.89
N ASN B 73 0.61 -7.10 26.83
CA ASN B 73 1.38 -8.23 27.38
C ASN B 73 0.98 -9.51 26.69
N ILE B 74 0.88 -9.44 25.37
CA ILE B 74 0.54 -10.61 24.56
C ILE B 74 1.77 -10.98 23.76
N GLN B 75 2.22 -12.22 23.93
CA GLN B 75 3.41 -12.71 23.22
C GLN B 75 3.09 -13.28 21.83
N LEU B 76 3.62 -12.64 20.79
CA LEU B 76 3.38 -13.11 19.43
C LEU B 76 4.62 -13.90 18.99
N LEU B 77 4.44 -15.17 18.65
CA LEU B 77 5.55 -16.00 18.21
C LEU B 77 5.41 -16.30 16.72
N GLY B 78 5.98 -15.41 15.90
CA GLY B 78 5.88 -15.56 14.45
C GLY B 78 6.71 -16.65 13.79
N GLY B 79 6.38 -16.92 12.54
CA GLY B 79 7.12 -17.92 11.79
C GLY B 79 7.37 -19.20 12.57
N THR B 80 6.49 -19.48 13.52
CA THR B 80 6.62 -20.68 14.35
C THR B 80 5.46 -21.63 14.08
N GLN B 81 5.77 -22.82 13.59
CA GLN B 81 4.71 -23.80 13.33
C GLN B 81 4.62 -24.79 14.48
N VAL B 82 3.43 -25.35 14.68
CA VAL B 82 3.23 -26.34 15.73
C VAL B 82 3.03 -27.68 15.03
N THR B 83 3.79 -28.69 15.47
CA THR B 83 3.73 -30.00 14.85
C THR B 83 2.85 -30.99 15.59
N ALA B 84 2.67 -30.80 16.88
CA ALA B 84 1.83 -31.73 17.61
C ALA B 84 1.49 -31.29 19.03
N ILE B 85 0.39 -31.85 19.54
CA ILE B 85 -0.10 -31.54 20.89
C ILE B 85 0.09 -32.78 21.77
N ASN B 86 0.62 -32.60 22.97
CA ASN B 86 0.78 -33.73 23.89
C ASN B 86 -0.22 -33.50 24.99
N ARG B 87 -1.44 -33.98 24.77
CA ARG B 87 -2.53 -33.81 25.73
C ARG B 87 -2.19 -34.27 27.14
N ASP B 88 -1.56 -35.43 27.26
CA ASP B 88 -1.19 -35.95 28.59
C ASP B 88 -0.24 -34.97 29.26
N ARG B 89 0.90 -34.71 28.65
CA ARG B 89 1.88 -33.79 29.20
C ARG B 89 1.26 -32.40 29.34
N GLN B 90 0.27 -32.12 28.49
CA GLN B 90 -0.43 -30.84 28.49
C GLN B 90 0.50 -29.72 28.03
N GLN B 91 1.12 -29.96 26.88
CA GLN B 91 2.04 -28.99 26.29
C GLN B 91 1.89 -29.06 24.77
N VAL B 92 2.41 -28.05 24.07
CA VAL B 92 2.32 -28.05 22.62
C VAL B 92 3.73 -28.11 22.05
N ILE B 93 3.94 -28.98 21.06
CA ILE B 93 5.25 -29.14 20.45
C ILE B 93 5.38 -28.38 19.14
N LEU B 94 6.40 -27.51 19.10
CA LEU B 94 6.68 -26.67 17.95
C LEU B 94 7.37 -27.37 16.78
N SER B 95 8.04 -26.58 15.94
CA SER B 95 8.73 -27.10 14.77
C SER B 95 10.20 -27.32 15.06
N ASP B 96 10.79 -26.40 15.83
CA ASP B 96 12.19 -26.50 16.21
C ASP B 96 12.41 -27.65 17.16
N GLY B 97 11.37 -27.98 17.92
CA GLY B 97 11.47 -29.07 18.88
C GLY B 97 11.11 -28.62 20.28
N ARG B 98 11.11 -27.31 20.52
CA ARG B 98 10.76 -26.79 21.84
C ARG B 98 9.29 -27.10 22.13
N ALA B 99 8.95 -27.19 23.41
CA ALA B 99 7.58 -27.48 23.81
C ALA B 99 7.04 -26.42 24.76
N LEU B 100 5.91 -25.82 24.39
CA LEU B 100 5.30 -24.79 25.21
C LEU B 100 4.27 -25.43 26.12
N ASP B 101 4.32 -25.08 27.40
CA ASP B 101 3.39 -25.62 28.37
C ASP B 101 2.12 -24.76 28.39
N TYR B 102 0.96 -25.37 28.61
CA TYR B 102 -0.31 -24.62 28.60
C TYR B 102 -1.36 -25.09 29.60
N ASP B 103 -2.08 -24.15 30.21
CA ASP B 103 -3.12 -24.51 31.15
C ASP B 103 -4.42 -24.56 30.36
N ARG B 104 -4.45 -23.79 29.29
CA ARG B 104 -5.61 -23.69 28.42
C ARG B 104 -5.07 -23.57 27.01
N LEU B 105 -5.66 -24.26 26.04
CA LEU B 105 -5.15 -24.18 24.68
C LEU B 105 -6.25 -23.86 23.68
N VAL B 106 -5.95 -22.99 22.73
CA VAL B 106 -6.94 -22.64 21.73
C VAL B 106 -6.37 -22.87 20.35
N LEU B 107 -7.12 -23.57 19.50
CA LEU B 107 -6.67 -23.85 18.16
C LEU B 107 -7.38 -22.88 17.24
N ALA B 108 -6.70 -21.79 16.92
CA ALA B 108 -7.24 -20.79 16.04
C ALA B 108 -6.54 -21.01 14.71
N THR B 109 -6.27 -22.26 14.41
CA THR B 109 -5.65 -22.55 13.13
C THR B 109 -6.80 -22.21 12.21
N GLY B 110 -6.57 -22.18 10.90
CA GLY B 110 -7.69 -21.83 10.04
C GLY B 110 -7.85 -22.86 8.97
N GLY B 111 -7.48 -22.45 7.76
CA GLY B 111 -7.57 -23.34 6.63
C GLY B 111 -6.57 -22.94 5.57
N ARG B 112 -6.14 -23.93 4.79
CA ARG B 112 -5.22 -23.70 3.71
C ARG B 112 -6.09 -23.76 2.47
N PRO B 113 -5.83 -22.88 1.49
CA PRO B 113 -6.65 -22.92 0.28
C PRO B 113 -6.64 -24.28 -0.40
N ARG B 114 -7.81 -24.73 -0.85
CA ARG B 114 -7.94 -26.01 -1.53
C ARG B 114 -7.09 -26.03 -2.79
N PRO B 115 -6.11 -26.95 -2.86
CA PRO B 115 -5.23 -27.06 -4.03
C PRO B 115 -6.00 -27.29 -5.32
N LEU B 116 -5.28 -27.58 -6.39
CA LEU B 116 -5.89 -27.83 -7.68
C LEU B 116 -5.23 -29.07 -8.28
N PRO B 117 -6.04 -30.02 -8.73
CA PRO B 117 -5.52 -31.27 -9.32
C PRO B 117 -4.73 -31.05 -10.61
N VAL B 118 -5.30 -30.23 -11.50
CA VAL B 118 -4.68 -29.93 -12.79
C VAL B 118 -3.52 -28.93 -12.66
N ALA B 119 -3.03 -28.73 -11.44
CA ALA B 119 -1.94 -27.80 -11.22
C ALA B 119 -0.86 -28.41 -10.33
N SER B 120 -1.15 -29.58 -9.77
CA SER B 120 -0.19 -30.25 -8.91
C SER B 120 1.14 -30.40 -9.65
N GLY B 121 2.10 -29.57 -9.27
CA GLY B 121 3.42 -29.60 -9.90
C GLY B 121 4.02 -28.23 -10.13
N ALA B 122 4.92 -28.15 -11.12
CA ALA B 122 5.58 -26.90 -11.45
C ALA B 122 4.54 -25.93 -11.99
N VAL B 123 3.31 -26.41 -12.11
CA VAL B 123 2.21 -25.59 -12.60
C VAL B 123 1.84 -24.56 -11.53
N GLY B 124 2.17 -24.87 -10.27
CA GLY B 124 1.87 -23.97 -9.17
C GLY B 124 3.02 -23.06 -8.80
N LYS B 125 4.24 -23.56 -8.99
CA LYS B 125 5.43 -22.77 -8.68
C LYS B 125 5.51 -21.59 -9.63
N ALA B 126 4.75 -21.67 -10.73
CA ALA B 126 4.70 -20.59 -11.71
C ALA B 126 4.24 -19.33 -11.00
N ASN B 127 5.07 -18.30 -11.04
CA ASN B 127 4.74 -17.05 -10.39
C ASN B 127 3.65 -16.24 -11.11
N ASN B 128 2.90 -16.89 -12.00
CA ASN B 128 1.81 -16.21 -12.70
C ASN B 128 0.57 -17.10 -12.49
N PHE B 129 0.70 -17.99 -11.51
CA PHE B 129 -0.35 -18.92 -11.09
C PHE B 129 -0.40 -18.93 -9.57
N ARG B 130 -1.44 -18.33 -9.01
CA ARG B 130 -1.57 -18.26 -7.56
C ARG B 130 -2.99 -18.33 -6.98
N TYR B 131 -3.05 -18.73 -5.72
CA TYR B 131 -4.31 -18.78 -4.99
C TYR B 131 -4.29 -17.46 -4.24
N LEU B 132 -5.38 -17.11 -3.58
CA LEU B 132 -5.41 -15.86 -2.87
C LEU B 132 -5.87 -16.07 -1.45
N ARG B 133 -4.92 -16.35 -0.55
CA ARG B 133 -5.24 -16.59 0.85
C ARG B 133 -4.36 -15.75 1.80
N THR B 134 -3.20 -15.31 1.30
CA THR B 134 -2.27 -14.53 2.13
C THR B 134 -1.97 -13.12 1.60
N LEU B 135 -1.23 -12.37 2.38
CA LEU B 135 -0.84 -11.02 2.00
C LEU B 135 0.20 -11.10 0.89
N GLU B 136 1.10 -12.08 0.98
CA GLU B 136 2.10 -12.24 -0.07
C GLU B 136 1.38 -12.57 -1.38
N ASP B 137 0.35 -13.42 -1.31
CA ASP B 137 -0.42 -13.78 -2.49
C ASP B 137 -0.99 -12.49 -3.06
N ALA B 138 -1.64 -11.71 -2.21
CA ALA B 138 -2.26 -10.46 -2.63
C ALA B 138 -1.31 -9.52 -3.38
N GLU B 139 -0.13 -9.29 -2.82
CA GLU B 139 0.85 -8.40 -3.45
C GLU B 139 1.44 -9.02 -4.72
N CYS B 140 1.81 -10.29 -4.66
CA CYS B 140 2.38 -10.97 -5.83
C CYS B 140 1.43 -10.94 -7.01
N ILE B 141 0.14 -10.82 -6.73
CA ILE B 141 -0.89 -10.78 -7.77
C ILE B 141 -1.16 -9.34 -8.20
N ARG B 142 -1.25 -8.44 -7.22
CA ARG B 142 -1.50 -7.04 -7.49
C ARG B 142 -0.58 -6.51 -8.60
N ARG B 143 0.72 -6.80 -8.48
CA ARG B 143 1.69 -6.33 -9.46
C ARG B 143 1.54 -6.99 -10.82
N GLN B 144 0.81 -8.10 -10.85
CA GLN B 144 0.60 -8.84 -12.10
C GLN B 144 -0.70 -8.47 -12.79
N LEU B 145 -1.47 -7.57 -12.18
CA LEU B 145 -2.72 -7.10 -12.75
C LEU B 145 -2.34 -6.09 -13.83
N ILE B 146 -1.66 -6.59 -14.86
CA ILE B 146 -1.19 -5.77 -15.98
C ILE B 146 -2.17 -5.79 -17.16
N ALA B 147 -2.72 -4.63 -17.48
CA ALA B 147 -3.68 -4.50 -18.57
C ALA B 147 -3.21 -5.18 -19.85
N ASP B 148 -4.10 -5.23 -20.85
CA ASP B 148 -3.76 -5.86 -22.11
C ASP B 148 -3.38 -7.33 -21.91
N ASN B 149 -3.60 -7.84 -20.70
CA ASN B 149 -3.29 -9.24 -20.39
C ASN B 149 -4.53 -10.08 -20.09
N ARG B 150 -4.45 -11.35 -20.47
CA ARG B 150 -5.54 -12.30 -20.26
C ARG B 150 -5.41 -12.99 -18.91
N LEU B 151 -6.51 -12.97 -18.15
CA LEU B 151 -6.56 -13.58 -16.83
C LEU B 151 -7.60 -14.70 -16.80
N VAL B 152 -7.28 -15.79 -16.12
CA VAL B 152 -8.19 -16.92 -16.02
C VAL B 152 -8.47 -17.24 -14.55
N VAL B 153 -9.60 -16.74 -14.04
CA VAL B 153 -9.97 -16.98 -12.65
C VAL B 153 -10.64 -18.36 -12.57
N ILE B 154 -10.01 -19.28 -11.82
CA ILE B 154 -10.52 -20.63 -11.66
C ILE B 154 -11.23 -20.86 -10.32
N GLY B 155 -12.47 -20.40 -10.21
CA GLY B 155 -13.21 -20.55 -8.97
C GLY B 155 -14.42 -19.64 -9.01
N GLY B 156 -15.60 -20.19 -8.72
CA GLY B 156 -16.80 -19.39 -8.77
C GLY B 156 -17.22 -18.80 -7.43
N GLY B 157 -16.40 -19.03 -6.40
CA GLY B 157 -16.72 -18.51 -5.09
C GLY B 157 -16.81 -16.99 -5.07
N TYR B 158 -17.02 -16.42 -3.89
CA TYR B 158 -17.11 -14.97 -3.76
C TYR B 158 -15.74 -14.33 -4.01
N ILE B 159 -14.69 -15.11 -3.83
CA ILE B 159 -13.34 -14.62 -4.05
C ILE B 159 -13.13 -14.39 -5.52
N GLY B 160 -13.09 -15.49 -6.28
CA GLY B 160 -12.91 -15.41 -7.72
C GLY B 160 -13.72 -14.27 -8.34
N LEU B 161 -14.94 -14.09 -7.87
CA LEU B 161 -15.80 -13.02 -8.39
C LEU B 161 -15.30 -11.62 -8.05
N GLU B 162 -14.68 -11.47 -6.89
CA GLU B 162 -14.16 -10.17 -6.48
C GLU B 162 -12.87 -9.86 -7.21
N VAL B 163 -12.14 -10.90 -7.59
CA VAL B 163 -10.90 -10.73 -8.32
C VAL B 163 -11.19 -10.07 -9.67
N ALA B 164 -12.22 -10.57 -10.34
CA ALA B 164 -12.63 -10.07 -11.64
C ALA B 164 -13.01 -8.59 -11.59
N ALA B 165 -13.97 -8.24 -10.74
CA ALA B 165 -14.39 -6.85 -10.63
C ALA B 165 -13.18 -5.94 -10.54
N THR B 166 -12.08 -6.47 -10.00
CA THR B 166 -10.85 -5.72 -9.85
C THR B 166 -9.93 -5.90 -11.06
N ALA B 167 -9.76 -7.13 -11.53
CA ALA B 167 -8.90 -7.38 -12.69
C ALA B 167 -9.53 -6.87 -14.00
N ILE B 168 -10.83 -6.56 -13.95
CA ILE B 168 -11.54 -6.03 -15.12
C ILE B 168 -11.40 -4.52 -15.06
N LYS B 169 -11.57 -3.96 -13.87
CA LYS B 169 -11.42 -2.53 -13.69
C LYS B 169 -9.94 -2.22 -13.89
N ALA B 170 -9.13 -3.28 -13.88
CA ALA B 170 -7.69 -3.15 -14.08
C ALA B 170 -7.48 -3.08 -15.58
N ASN B 171 -8.58 -3.20 -16.31
CA ASN B 171 -8.57 -3.17 -17.76
C ASN B 171 -7.75 -4.32 -18.36
N MET B 172 -8.11 -5.53 -17.97
CA MET B 172 -7.47 -6.75 -18.46
C MET B 172 -8.55 -7.52 -19.23
N HIS B 173 -8.17 -8.68 -19.77
CA HIS B 173 -9.11 -9.55 -20.49
C HIS B 173 -9.16 -10.82 -19.65
N VAL B 174 -10.00 -10.80 -18.62
CA VAL B 174 -10.14 -11.92 -17.69
C VAL B 174 -11.39 -12.78 -17.89
N THR B 175 -11.23 -14.08 -17.63
CA THR B 175 -12.31 -15.06 -17.76
C THR B 175 -12.44 -15.90 -16.49
N LEU B 176 -13.66 -16.34 -16.19
CA LEU B 176 -13.90 -17.15 -15.00
C LEU B 176 -14.34 -18.56 -15.39
N LEU B 177 -13.96 -19.54 -14.57
CA LEU B 177 -14.31 -20.93 -14.84
C LEU B 177 -15.00 -21.62 -13.65
N ASP B 178 -16.32 -21.55 -13.60
CA ASP B 178 -17.07 -22.18 -12.52
C ASP B 178 -17.53 -23.56 -13.01
N THR B 179 -16.99 -24.62 -12.39
CA THR B 179 -17.36 -25.97 -12.78
C THR B 179 -18.82 -26.30 -12.48
N ALA B 180 -19.54 -25.37 -11.84
CA ALA B 180 -20.94 -25.57 -11.50
C ALA B 180 -21.89 -24.94 -12.53
N ALA B 181 -23.18 -25.28 -12.41
CA ALA B 181 -24.19 -24.77 -13.32
C ALA B 181 -24.25 -23.25 -13.33
N ARG B 182 -24.01 -22.66 -12.16
CA ARG B 182 -24.02 -21.20 -12.02
C ARG B 182 -23.10 -20.76 -10.90
N VAL B 183 -22.78 -19.48 -10.84
CA VAL B 183 -21.90 -18.96 -9.80
C VAL B 183 -22.58 -18.97 -8.43
N LEU B 184 -21.89 -19.55 -7.45
CA LEU B 184 -22.38 -19.63 -6.07
C LEU B 184 -23.53 -20.61 -5.89
N GLU B 185 -23.36 -21.83 -6.41
CA GLU B 185 -24.39 -22.86 -6.29
C GLU B 185 -24.30 -23.49 -4.92
N ARG B 186 -23.19 -23.23 -4.24
CA ARG B 186 -22.98 -23.76 -2.91
C ARG B 186 -23.54 -22.74 -1.92
N VAL B 187 -23.94 -21.58 -2.42
CA VAL B 187 -24.46 -20.54 -1.56
C VAL B 187 -25.89 -20.03 -1.80
N THR B 188 -26.05 -19.15 -2.79
CA THR B 188 -27.36 -18.55 -3.07
C THR B 188 -28.26 -19.18 -4.13
N ALA B 189 -29.43 -18.55 -4.31
CA ALA B 189 -30.45 -18.99 -5.27
C ALA B 189 -30.28 -18.33 -6.63
N PRO B 190 -30.72 -19.04 -7.70
CA PRO B 190 -30.64 -18.59 -9.09
C PRO B 190 -30.93 -17.10 -9.33
N PRO B 191 -31.99 -16.55 -8.71
CA PRO B 191 -32.30 -15.12 -8.90
C PRO B 191 -31.10 -14.23 -8.59
N VAL B 192 -30.21 -14.74 -7.74
CA VAL B 192 -29.00 -14.01 -7.36
C VAL B 192 -27.84 -14.52 -8.20
N SER B 193 -27.66 -15.85 -8.27
CA SER B 193 -26.60 -16.42 -9.06
C SER B 193 -26.71 -15.97 -10.50
N ALA B 194 -27.91 -15.53 -10.89
CA ALA B 194 -28.15 -15.06 -12.24
C ALA B 194 -27.69 -13.61 -12.37
N PHE B 195 -28.17 -12.77 -11.46
CA PHE B 195 -27.80 -11.35 -11.48
C PHE B 195 -26.30 -11.19 -11.69
N TYR B 196 -25.51 -11.75 -10.78
CA TYR B 196 -24.07 -11.67 -10.90
C TYR B 196 -23.67 -11.92 -12.34
N GLU B 197 -23.80 -13.15 -12.79
CA GLU B 197 -23.46 -13.55 -14.15
C GLU B 197 -23.73 -12.45 -15.18
N HIS B 198 -24.87 -11.79 -15.05
CA HIS B 198 -25.23 -10.72 -15.97
C HIS B 198 -24.34 -9.50 -15.74
N LEU B 199 -24.12 -9.17 -14.47
CA LEU B 199 -23.29 -8.02 -14.11
C LEU B 199 -21.86 -8.23 -14.63
N HIS B 200 -21.25 -9.37 -14.31
CA HIS B 200 -19.88 -9.63 -14.77
C HIS B 200 -19.77 -9.61 -16.29
N ARG B 201 -20.68 -10.29 -16.97
CA ARG B 201 -20.70 -10.33 -18.43
C ARG B 201 -20.69 -8.91 -19.00
N GLU B 202 -21.71 -8.15 -18.63
CA GLU B 202 -21.86 -6.76 -19.09
C GLU B 202 -20.68 -5.88 -18.70
N ALA B 203 -19.94 -6.29 -17.67
CA ALA B 203 -18.78 -5.53 -17.22
C ALA B 203 -17.55 -5.96 -18.00
N GLY B 204 -17.73 -6.96 -18.87
CA GLY B 204 -16.63 -7.44 -19.67
C GLY B 204 -16.19 -8.84 -19.31
N VAL B 205 -16.49 -9.26 -18.08
CA VAL B 205 -16.09 -10.58 -17.62
C VAL B 205 -16.62 -11.71 -18.48
N ASP B 206 -15.70 -12.60 -18.86
CA ASP B 206 -16.01 -13.77 -19.68
C ASP B 206 -16.41 -14.91 -18.77
N ILE B 207 -17.72 -15.02 -18.50
CA ILE B 207 -18.21 -16.08 -17.64
C ILE B 207 -18.62 -17.30 -18.44
N ARG B 208 -18.16 -18.47 -18.01
CA ARG B 208 -18.51 -19.72 -18.68
C ARG B 208 -18.60 -20.85 -17.65
N THR B 209 -19.82 -21.08 -17.19
CA THR B 209 -20.11 -22.10 -16.20
C THR B 209 -20.06 -23.53 -16.73
N GLY B 210 -20.49 -24.46 -15.90
CA GLY B 210 -20.52 -25.88 -16.28
C GLY B 210 -19.22 -26.46 -16.78
N THR B 211 -18.24 -25.62 -17.11
CA THR B 211 -16.99 -26.14 -17.62
C THR B 211 -15.93 -26.36 -16.56
N GLN B 212 -15.02 -27.30 -16.83
CA GLN B 212 -13.94 -27.62 -15.90
C GLN B 212 -12.58 -27.39 -16.56
N VAL B 213 -11.53 -27.66 -15.81
CA VAL B 213 -10.15 -27.52 -16.28
C VAL B 213 -9.50 -28.89 -16.36
N CYS B 214 -8.72 -29.12 -17.42
CA CYS B 214 -8.04 -30.40 -17.61
C CYS B 214 -6.53 -30.25 -17.46
N GLY B 215 -6.00 -29.13 -17.95
CA GLY B 215 -4.57 -28.88 -17.87
C GLY B 215 -4.23 -27.46 -18.28
N PHE B 216 -2.97 -27.07 -18.12
CA PHE B 216 -2.55 -25.72 -18.51
C PHE B 216 -1.53 -25.77 -19.62
N GLU B 217 -1.07 -24.59 -20.01
CA GLU B 217 -0.08 -24.49 -21.07
C GLU B 217 1.11 -23.65 -20.60
N MET B 218 2.02 -24.31 -19.88
CA MET B 218 3.21 -23.63 -19.37
C MET B 218 4.26 -23.52 -20.46
N SER B 219 4.84 -22.34 -20.60
CA SER B 219 5.87 -22.08 -21.60
C SER B 219 6.91 -23.20 -21.71
N THR B 220 7.62 -23.24 -22.84
CA THR B 220 8.67 -24.24 -23.06
C THR B 220 9.72 -24.05 -21.98
N ASP B 221 10.04 -22.77 -21.73
CA ASP B 221 11.01 -22.40 -20.70
C ASP B 221 10.46 -22.91 -19.37
N GLN B 222 9.25 -23.49 -19.44
CA GLN B 222 8.54 -24.05 -18.31
C GLN B 222 8.44 -23.07 -17.14
N GLN B 223 7.76 -23.50 -16.08
CA GLN B 223 7.58 -22.68 -14.90
C GLN B 223 6.82 -21.39 -15.19
N LYS B 224 5.78 -21.50 -16.02
CA LYS B 224 4.92 -20.38 -16.37
C LYS B 224 3.62 -20.92 -16.95
N VAL B 225 2.77 -20.05 -17.46
CA VAL B 225 1.51 -20.49 -18.03
C VAL B 225 1.08 -19.55 -19.15
N THR B 226 0.69 -20.14 -20.29
CA THR B 226 0.27 -19.36 -21.43
C THR B 226 -1.18 -19.69 -21.80
N ALA B 227 -1.74 -20.73 -21.20
CA ALA B 227 -3.11 -21.08 -21.52
C ALA B 227 -3.70 -22.10 -20.58
N VAL B 228 -4.99 -21.92 -20.30
CA VAL B 228 -5.72 -22.82 -19.42
C VAL B 228 -6.55 -23.69 -20.34
N LEU B 229 -6.37 -25.00 -20.24
CA LEU B 229 -7.11 -25.93 -21.07
C LEU B 229 -8.37 -26.44 -20.35
N CYS B 230 -9.47 -26.44 -21.08
CA CYS B 230 -10.74 -26.91 -20.54
C CYS B 230 -11.10 -28.17 -21.30
N GLU B 231 -11.60 -29.18 -20.57
CA GLU B 231 -12.00 -30.42 -21.23
C GLU B 231 -13.11 -30.06 -22.20
N ASP B 232 -13.75 -28.92 -21.93
CA ASP B 232 -14.82 -28.40 -22.77
C ASP B 232 -14.31 -28.46 -24.21
N GLY B 233 -12.99 -28.31 -24.34
CA GLY B 233 -12.36 -28.34 -25.65
C GLY B 233 -11.51 -27.13 -25.90
N THR B 234 -12.10 -25.94 -25.77
CA THR B 234 -11.41 -24.68 -25.98
C THR B 234 -10.09 -24.56 -25.21
N ARG B 235 -9.29 -23.56 -25.56
CA ARG B 235 -8.00 -23.32 -24.91
C ARG B 235 -7.87 -21.82 -24.67
N LEU B 236 -8.02 -21.41 -23.41
CA LEU B 236 -7.94 -20.00 -23.03
C LEU B 236 -6.51 -19.55 -22.75
N PRO B 237 -5.91 -18.80 -23.68
CA PRO B 237 -4.54 -18.32 -23.47
C PRO B 237 -4.51 -17.48 -22.20
N ALA B 238 -3.55 -17.75 -21.32
CA ALA B 238 -3.49 -17.02 -20.06
C ALA B 238 -2.16 -16.37 -19.70
N ASP B 239 -2.25 -15.13 -19.26
CA ASP B 239 -1.07 -14.38 -18.82
C ASP B 239 -0.95 -14.71 -17.33
N LEU B 240 -2.06 -14.44 -16.63
CA LEU B 240 -2.17 -14.66 -15.19
C LEU B 240 -3.31 -15.64 -14.88
N VAL B 241 -3.04 -16.58 -13.98
CA VAL B 241 -4.06 -17.57 -13.61
C VAL B 241 -4.23 -17.68 -12.08
N ILE B 242 -5.38 -17.22 -11.60
CA ILE B 242 -5.71 -17.26 -10.17
C ILE B 242 -6.66 -18.43 -9.87
N ALA B 243 -6.34 -19.22 -8.86
CA ALA B 243 -7.18 -20.37 -8.52
C ALA B 243 -7.78 -20.35 -7.10
N GLY B 244 -9.05 -19.98 -7.01
CA GLY B 244 -9.73 -19.94 -5.72
C GLY B 244 -10.89 -20.93 -5.66
N ILE B 245 -10.58 -22.18 -5.33
CA ILE B 245 -11.60 -23.22 -5.24
C ILE B 245 -11.82 -23.82 -3.85
N GLY B 246 -12.14 -22.97 -2.88
CA GLY B 246 -12.40 -23.46 -1.54
C GLY B 246 -11.21 -23.53 -0.61
N LEU B 247 -11.50 -23.76 0.68
CA LEU B 247 -10.48 -23.85 1.71
C LEU B 247 -10.50 -25.22 2.37
N ILE B 248 -9.44 -25.55 3.09
CA ILE B 248 -9.34 -26.82 3.81
C ILE B 248 -8.98 -26.53 5.26
N PRO B 249 -9.90 -26.79 6.19
CA PRO B 249 -9.59 -26.52 7.60
C PRO B 249 -8.36 -27.30 8.08
N ASN B 250 -7.49 -26.65 8.84
CA ASN B 250 -6.28 -27.29 9.36
C ASN B 250 -6.54 -28.07 10.64
N CYS B 251 -7.44 -29.05 10.56
CA CYS B 251 -7.78 -29.88 11.70
C CYS B 251 -6.74 -30.97 11.96
N GLU B 252 -5.76 -31.03 11.07
CA GLU B 252 -4.68 -32.03 11.16
C GLU B 252 -4.03 -32.12 12.53
N LEU B 253 -3.75 -30.98 13.14
CA LEU B 253 -3.11 -30.94 14.44
C LEU B 253 -3.96 -31.59 15.52
N ALA B 254 -5.28 -31.49 15.37
CA ALA B 254 -6.21 -32.08 16.31
C ALA B 254 -6.35 -33.60 16.11
N SER B 255 -6.36 -34.03 14.85
CA SER B 255 -6.48 -35.46 14.51
C SER B 255 -5.30 -36.25 15.03
N ALA B 256 -4.10 -35.74 14.80
CA ALA B 256 -2.90 -36.40 15.26
C ALA B 256 -2.79 -36.40 16.79
N ALA B 257 -3.80 -35.88 17.46
CA ALA B 257 -3.78 -35.82 18.92
C ALA B 257 -4.97 -36.56 19.52
N GLY B 258 -5.85 -37.07 18.68
CA GLY B 258 -6.99 -37.82 19.16
C GLY B 258 -8.27 -37.03 19.41
N LEU B 259 -8.34 -35.80 18.92
CA LEU B 259 -9.54 -35.01 19.12
C LEU B 259 -10.47 -35.32 17.96
N GLN B 260 -11.78 -35.15 18.19
CA GLN B 260 -12.77 -35.41 17.15
C GLN B 260 -12.74 -34.35 16.07
N VAL B 261 -12.65 -34.80 14.82
CA VAL B 261 -12.64 -33.93 13.64
C VAL B 261 -13.68 -34.43 12.66
N ASP B 262 -14.15 -33.55 11.79
CA ASP B 262 -15.19 -33.88 10.82
C ASP B 262 -15.41 -32.63 9.97
N ASN B 263 -14.52 -32.42 8.99
CA ASN B 263 -14.57 -31.23 8.14
C ASN B 263 -14.48 -30.05 9.11
N GLY B 264 -13.51 -30.15 10.02
CA GLY B 264 -13.31 -29.12 11.02
C GLY B 264 -13.11 -29.74 12.40
N ILE B 265 -12.57 -28.97 13.32
CA ILE B 265 -12.36 -29.46 14.68
C ILE B 265 -13.72 -29.31 15.38
N VAL B 266 -14.21 -30.40 15.96
CA VAL B 266 -15.52 -30.36 16.62
C VAL B 266 -15.47 -29.73 18.02
N ILE B 267 -16.39 -28.80 18.27
CA ILE B 267 -16.45 -28.13 19.56
C ILE B 267 -17.85 -28.12 20.16
N ASN B 268 -17.91 -28.28 21.48
CA ASN B 268 -19.18 -28.28 22.19
C ASN B 268 -19.67 -26.86 22.42
N GLU B 269 -20.71 -26.74 23.25
CA GLU B 269 -21.29 -25.43 23.52
C GLU B 269 -20.38 -24.42 24.19
N HIS B 270 -19.32 -24.91 24.81
CA HIS B 270 -18.34 -24.06 25.49
C HIS B 270 -17.03 -23.95 24.69
N MET B 271 -17.14 -24.17 23.38
CA MET B 271 -15.98 -24.07 22.48
C MET B 271 -14.90 -25.12 22.76
N GLN B 272 -15.30 -26.25 23.33
CA GLN B 272 -14.34 -27.30 23.67
C GLN B 272 -14.25 -28.47 22.69
N THR B 273 -13.06 -29.02 22.58
CA THR B 273 -12.81 -30.16 21.74
C THR B 273 -13.00 -31.37 22.67
N SER B 274 -12.70 -32.56 22.18
CA SER B 274 -12.82 -33.76 22.99
C SER B 274 -12.06 -33.55 24.30
N ASP B 275 -10.94 -32.84 24.20
CA ASP B 275 -10.12 -32.53 25.37
C ASP B 275 -10.67 -31.23 25.96
N PRO B 276 -11.05 -31.24 27.25
CA PRO B 276 -11.60 -30.07 27.96
C PRO B 276 -10.72 -28.82 27.95
N LEU B 277 -9.41 -29.03 27.95
CA LEU B 277 -8.48 -27.92 27.98
C LEU B 277 -8.17 -27.36 26.60
N ILE B 278 -8.71 -28.01 25.58
CA ILE B 278 -8.46 -27.56 24.22
C ILE B 278 -9.73 -27.02 23.57
N MET B 279 -9.67 -25.76 23.14
CA MET B 279 -10.79 -25.12 22.49
C MET B 279 -10.45 -24.84 21.04
N ALA B 280 -11.45 -24.58 20.22
CA ALA B 280 -11.20 -24.28 18.82
C ALA B 280 -12.05 -23.11 18.41
N VAL B 281 -11.56 -22.33 17.47
CA VAL B 281 -12.28 -21.14 17.05
C VAL B 281 -11.90 -20.73 15.63
N GLY B 282 -12.84 -20.11 14.94
CA GLY B 282 -12.58 -19.65 13.58
C GLY B 282 -13.12 -20.55 12.48
N ASP B 283 -12.42 -20.56 11.36
CA ASP B 283 -12.82 -21.36 10.21
C ASP B 283 -12.47 -22.83 10.36
N CYS B 284 -11.67 -23.16 11.37
CA CYS B 284 -11.26 -24.54 11.60
C CYS B 284 -12.19 -25.28 12.56
N ALA B 285 -13.17 -24.58 13.11
CA ALA B 285 -14.05 -25.20 14.07
C ALA B 285 -15.45 -25.58 13.58
N ARG B 286 -15.84 -26.85 13.78
CA ARG B 286 -17.19 -27.27 13.41
C ARG B 286 -18.03 -27.26 14.69
N PHE B 287 -19.08 -26.45 14.68
CA PHE B 287 -19.94 -26.31 15.85
C PHE B 287 -21.42 -26.42 15.49
N HIS B 288 -22.23 -26.75 16.51
CA HIS B 288 -23.67 -26.87 16.35
C HIS B 288 -24.33 -25.49 16.40
N SER B 289 -25.17 -25.18 15.43
CA SER B 289 -25.85 -23.90 15.41
C SER B 289 -27.25 -24.03 16.01
N GLN B 290 -27.52 -23.31 17.08
CA GLN B 290 -28.82 -23.40 17.70
C GLN B 290 -29.88 -22.79 16.78
N LEU B 291 -29.47 -21.78 16.01
CA LEU B 291 -30.39 -21.10 15.10
C LEU B 291 -30.89 -21.96 13.96
N TYR B 292 -30.05 -22.87 13.48
CA TYR B 292 -30.40 -23.76 12.37
C TYR B 292 -30.29 -25.22 12.81
N ASP B 293 -30.04 -25.40 14.11
CA ASP B 293 -29.87 -26.70 14.71
C ASP B 293 -29.25 -27.76 13.81
N ARG B 294 -27.97 -27.56 13.53
CA ARG B 294 -27.20 -28.49 12.73
C ARG B 294 -25.74 -28.10 12.91
N TRP B 295 -24.84 -29.02 12.59
CA TRP B 295 -23.42 -28.73 12.75
C TRP B 295 -22.81 -28.01 11.57
N VAL B 296 -22.43 -26.76 11.78
CA VAL B 296 -21.83 -25.98 10.72
C VAL B 296 -20.36 -25.63 10.97
N ARG B 297 -19.82 -24.87 10.02
CA ARG B 297 -18.44 -24.40 10.05
C ARG B 297 -18.43 -23.22 9.11
N ILE B 298 -18.48 -22.01 9.66
CA ILE B 298 -18.49 -20.79 8.86
C ILE B 298 -17.10 -20.24 8.62
N GLU B 299 -16.92 -19.61 7.47
CA GLU B 299 -15.65 -19.02 7.11
C GLU B 299 -15.89 -17.53 6.89
N SER B 300 -16.10 -16.80 7.99
CA SER B 300 -16.37 -15.38 7.91
C SER B 300 -15.69 -14.60 9.00
N VAL B 301 -15.64 -13.28 8.82
CA VAL B 301 -15.06 -12.41 9.81
C VAL B 301 -15.95 -12.37 11.03
N PRO B 302 -17.28 -12.19 10.83
CA PRO B 302 -18.18 -12.15 11.99
C PRO B 302 -18.11 -13.40 12.87
N ASN B 303 -18.16 -14.57 12.26
CA ASN B 303 -18.09 -15.82 13.02
C ASN B 303 -16.84 -15.85 13.90
N ALA B 304 -15.69 -15.57 13.29
CA ALA B 304 -14.43 -15.56 14.03
C ALA B 304 -14.51 -14.60 15.22
N LEU B 305 -14.97 -13.37 14.96
CA LEU B 305 -15.08 -12.39 16.03
C LEU B 305 -15.97 -12.90 17.13
N GLU B 306 -17.17 -13.35 16.77
CA GLU B 306 -18.13 -13.86 17.74
C GLU B 306 -17.59 -15.06 18.53
N GLN B 307 -17.02 -16.04 17.84
CA GLN B 307 -16.45 -17.21 18.55
C GLN B 307 -15.30 -16.78 19.47
N ALA B 308 -14.49 -15.85 18.99
CA ALA B 308 -13.37 -15.37 19.77
C ALA B 308 -13.85 -14.72 21.06
N ARG B 309 -14.81 -13.81 20.97
CA ARG B 309 -15.32 -13.15 22.19
C ARG B 309 -15.92 -14.18 23.12
N LYS B 310 -16.60 -15.16 22.56
CA LYS B 310 -17.21 -16.21 23.35
C LYS B 310 -16.15 -16.98 24.14
N ILE B 311 -15.07 -17.34 23.49
CA ILE B 311 -13.98 -18.05 24.16
C ILE B 311 -13.41 -17.15 25.26
N ALA B 312 -13.23 -15.87 24.94
CA ALA B 312 -12.69 -14.95 25.93
C ALA B 312 -13.60 -14.82 27.14
N ALA B 313 -14.92 -14.90 26.94
CA ALA B 313 -15.88 -14.79 28.05
C ALA B 313 -15.81 -16.06 28.89
N ILE B 314 -15.90 -17.20 28.22
CA ILE B 314 -15.85 -18.47 28.93
C ILE B 314 -14.62 -18.66 29.81
N LEU B 315 -13.41 -18.48 29.28
CA LEU B 315 -12.20 -18.66 30.08
C LEU B 315 -12.08 -17.64 31.22
N CYS B 316 -12.76 -16.50 31.07
CA CYS B 316 -12.73 -15.45 32.09
C CYS B 316 -13.94 -15.54 33.00
N GLY B 317 -14.71 -16.62 32.87
CA GLY B 317 -15.86 -16.80 33.72
C GLY B 317 -17.06 -15.87 33.52
N LYS B 318 -17.14 -15.21 32.37
CA LYS B 318 -18.28 -14.34 32.12
C LYS B 318 -19.28 -15.05 31.18
N VAL B 319 -20.55 -14.71 31.32
CA VAL B 319 -21.60 -15.32 30.50
C VAL B 319 -21.45 -14.90 29.05
N PRO B 320 -21.18 -15.87 28.16
CA PRO B 320 -21.04 -15.48 26.74
C PRO B 320 -22.38 -14.92 26.28
N ARG B 321 -22.37 -14.05 25.27
CA ARG B 321 -23.65 -13.51 24.80
C ARG B 321 -24.23 -14.43 23.73
N ASP B 322 -25.55 -14.38 23.56
CA ASP B 322 -26.28 -15.22 22.61
C ASP B 322 -25.81 -15.22 21.16
N GLU B 323 -25.96 -16.37 20.49
CA GLU B 323 -25.57 -16.51 19.09
C GLU B 323 -26.34 -15.56 18.21
N ALA B 324 -25.65 -14.95 17.25
CA ALA B 324 -26.27 -14.02 16.33
C ALA B 324 -26.25 -14.65 14.96
N ALA B 325 -27.11 -14.17 14.07
CA ALA B 325 -27.17 -14.72 12.74
C ALA B 325 -25.83 -14.56 12.06
N PRO B 326 -25.36 -15.62 11.40
CA PRO B 326 -24.06 -15.40 10.76
C PRO B 326 -24.27 -14.47 9.56
N TRP B 327 -23.23 -13.81 9.11
CA TRP B 327 -23.36 -12.94 7.97
C TRP B 327 -22.03 -12.67 7.32
N PHE B 328 -22.05 -11.85 6.28
CA PHE B 328 -20.83 -11.51 5.57
C PHE B 328 -21.18 -10.66 4.35
N TRP B 329 -20.16 -10.06 3.74
CA TRP B 329 -20.35 -9.18 2.60
C TRP B 329 -19.34 -9.48 1.49
N SER B 330 -19.58 -8.88 0.32
CA SER B 330 -18.71 -9.07 -0.83
C SER B 330 -18.95 -8.02 -1.88
N ASP B 331 -18.28 -6.88 -1.76
CA ASP B 331 -18.45 -5.80 -2.72
C ASP B 331 -17.75 -6.07 -4.05
N GLN B 332 -18.53 -5.99 -5.13
CA GLN B 332 -18.02 -6.20 -6.48
C GLN B 332 -18.48 -4.99 -7.29
N TYR B 333 -17.57 -4.38 -8.05
CA TYR B 333 -17.90 -3.20 -8.83
C TYR B 333 -18.51 -2.24 -7.81
N GLU B 334 -19.30 -1.26 -8.24
CA GLU B 334 -19.86 -0.34 -7.25
C GLU B 334 -20.89 -0.99 -6.31
N ILE B 335 -21.49 -2.07 -6.80
CA ILE B 335 -22.53 -2.83 -6.08
C ILE B 335 -22.13 -3.40 -4.71
N GLY B 336 -22.91 -3.04 -3.69
CA GLY B 336 -22.64 -3.52 -2.35
C GLY B 336 -23.42 -4.78 -2.05
N LEU B 337 -22.71 -5.90 -1.89
CA LEU B 337 -23.34 -7.18 -1.61
C LEU B 337 -23.13 -7.60 -0.15
N LYS B 338 -24.21 -8.02 0.51
CA LYS B 338 -24.13 -8.43 1.91
C LYS B 338 -25.19 -9.49 2.24
N MET B 339 -24.76 -10.54 2.95
CA MET B 339 -25.66 -11.64 3.32
C MET B 339 -25.79 -11.92 4.82
N VAL B 340 -26.98 -12.31 5.24
CA VAL B 340 -27.22 -12.65 6.64
C VAL B 340 -27.78 -14.07 6.70
N GLY B 341 -27.47 -14.78 7.78
CA GLY B 341 -27.95 -16.14 7.96
C GLY B 341 -27.43 -17.12 6.93
N LEU B 342 -27.89 -18.36 7.01
CA LEU B 342 -27.49 -19.42 6.08
C LEU B 342 -28.69 -19.79 5.22
N SER B 343 -28.44 -20.10 3.95
CA SER B 343 -29.51 -20.46 3.02
C SER B 343 -29.81 -21.95 2.99
N GLU B 344 -28.75 -22.75 3.08
CA GLU B 344 -28.84 -24.21 3.06
C GLU B 344 -30.16 -24.79 3.57
N GLY B 345 -30.82 -25.57 2.73
CA GLY B 345 -32.07 -26.21 3.09
C GLY B 345 -33.32 -25.35 3.15
N TYR B 346 -33.55 -24.53 2.14
CA TYR B 346 -34.72 -23.67 2.14
C TYR B 346 -35.72 -24.26 1.15
N ASP B 347 -37.01 -24.02 1.37
CA ASP B 347 -38.01 -24.55 0.45
C ASP B 347 -38.63 -23.49 -0.47
N ARG B 348 -38.60 -22.23 -0.06
CA ARG B 348 -39.19 -21.18 -0.89
C ARG B 348 -38.41 -19.87 -0.80
N ILE B 349 -38.47 -19.07 -1.86
CA ILE B 349 -37.80 -17.78 -1.87
C ILE B 349 -38.77 -16.66 -2.20
N ILE B 350 -38.36 -15.44 -1.85
CA ILE B 350 -39.15 -14.25 -2.11
C ILE B 350 -38.16 -13.19 -2.57
N VAL B 351 -38.44 -12.57 -3.71
CA VAL B 351 -37.53 -11.58 -4.25
C VAL B 351 -38.00 -10.14 -4.17
N ARG B 352 -37.94 -9.56 -2.97
CA ARG B 352 -38.35 -8.18 -2.76
C ARG B 352 -37.54 -7.27 -3.69
N GLY B 353 -38.23 -6.55 -4.58
CA GLY B 353 -37.53 -5.68 -5.52
C GLY B 353 -37.38 -6.36 -6.87
N SER B 354 -36.58 -5.78 -7.77
CA SER B 354 -36.38 -6.38 -9.09
C SER B 354 -35.00 -6.98 -9.34
N LEU B 355 -34.98 -8.17 -9.96
CA LEU B 355 -33.73 -8.87 -10.24
C LEU B 355 -32.95 -8.34 -11.44
N ALA B 356 -33.58 -7.48 -12.24
CA ALA B 356 -32.92 -6.92 -13.41
C ALA B 356 -32.30 -5.55 -13.13
N GLN B 357 -32.44 -5.08 -11.90
CA GLN B 357 -31.89 -3.79 -11.51
C GLN B 357 -31.31 -3.89 -10.09
N PRO B 358 -29.98 -3.75 -9.97
CA PRO B 358 -29.17 -3.81 -8.75
C PRO B 358 -29.65 -3.03 -7.52
N ASP B 359 -30.81 -3.42 -7.00
CA ASP B 359 -31.40 -2.79 -5.82
C ASP B 359 -32.55 -3.67 -5.38
N PHE B 360 -32.24 -4.67 -4.57
CA PHE B 360 -33.26 -5.61 -4.11
C PHE B 360 -32.78 -6.46 -2.95
N SER B 361 -33.67 -7.31 -2.45
CA SER B 361 -33.38 -8.23 -1.35
C SER B 361 -34.00 -9.59 -1.68
N VAL B 362 -33.28 -10.66 -1.36
CA VAL B 362 -33.77 -12.01 -1.61
C VAL B 362 -33.89 -12.80 -0.31
N PHE B 363 -35.13 -13.05 0.12
CA PHE B 363 -35.39 -13.79 1.36
C PHE B 363 -35.49 -15.30 1.15
N TYR B 364 -34.80 -16.05 2.00
CA TYR B 364 -34.83 -17.51 1.94
C TYR B 364 -35.71 -17.97 3.10
N LEU B 365 -36.69 -18.81 2.80
CA LEU B 365 -37.57 -19.31 3.86
C LEU B 365 -37.65 -20.83 3.89
N GLN B 366 -37.65 -21.38 5.11
CA GLN B 366 -37.81 -22.81 5.32
C GLN B 366 -39.14 -22.87 6.03
N GLY B 367 -40.21 -22.99 5.24
CA GLY B 367 -41.53 -23.01 5.81
C GLY B 367 -42.10 -21.61 5.78
N ASP B 368 -42.30 -21.04 6.95
CA ASP B 368 -42.84 -19.70 7.04
C ASP B 368 -41.93 -18.77 7.85
N ARG B 369 -40.71 -19.23 8.09
CA ARG B 369 -39.75 -18.41 8.85
C ARG B 369 -38.55 -18.14 7.97
N VAL B 370 -38.05 -16.91 8.05
CA VAL B 370 -36.89 -16.49 7.27
C VAL B 370 -35.62 -17.22 7.71
N LEU B 371 -35.03 -17.95 6.77
CA LEU B 371 -33.81 -18.69 7.06
C LEU B 371 -32.60 -17.80 6.74
N ALA B 372 -32.69 -17.10 5.61
CA ALA B 372 -31.60 -16.20 5.18
C ALA B 372 -32.14 -15.07 4.32
N VAL B 373 -31.31 -14.06 4.08
CA VAL B 373 -31.70 -12.91 3.25
C VAL B 373 -30.49 -12.35 2.53
N ASP B 374 -30.66 -12.05 1.25
CA ASP B 374 -29.59 -11.47 0.45
C ASP B 374 -29.82 -10.00 0.27
N THR B 375 -28.75 -9.26 0.08
CA THR B 375 -28.87 -7.84 -0.11
C THR B 375 -27.94 -7.37 -1.22
N VAL B 376 -28.49 -6.54 -2.11
CA VAL B 376 -27.75 -5.98 -3.22
C VAL B 376 -28.03 -4.49 -3.18
N ASN B 377 -27.06 -3.72 -2.70
CA ASN B 377 -27.20 -2.28 -2.57
C ASN B 377 -28.40 -1.91 -1.72
N ARG B 378 -28.60 -2.67 -0.66
CA ARG B 378 -29.71 -2.42 0.27
C ARG B 378 -29.27 -2.65 1.71
N PRO B 379 -28.35 -1.80 2.19
CA PRO B 379 -27.81 -1.89 3.56
C PRO B 379 -28.87 -1.68 4.65
N VAL B 380 -29.84 -0.83 4.36
CA VAL B 380 -30.89 -0.54 5.34
C VAL B 380 -31.70 -1.76 5.71
N GLU B 381 -31.90 -2.66 4.75
CA GLU B 381 -32.69 -3.86 4.99
C GLU B 381 -31.84 -5.06 5.38
N PHE B 382 -30.60 -5.10 4.90
CA PHE B 382 -29.69 -6.20 5.21
C PHE B 382 -29.41 -6.20 6.72
N ASN B 383 -29.10 -5.01 7.23
CA ASN B 383 -28.80 -4.84 8.65
C ASN B 383 -30.07 -5.10 9.47
N GLN B 384 -31.22 -4.91 8.84
CA GLN B 384 -32.50 -5.11 9.53
C GLN B 384 -33.01 -6.54 9.45
N SER B 385 -32.65 -7.27 8.39
CA SER B 385 -33.07 -8.66 8.26
C SER B 385 -32.37 -9.42 9.37
N LYS B 386 -31.12 -9.06 9.60
CA LYS B 386 -30.25 -9.65 10.62
C LYS B 386 -31.05 -9.86 11.92
N GLN B 387 -31.72 -8.81 12.37
CA GLN B 387 -32.52 -8.89 13.59
C GLN B 387 -33.60 -9.95 13.50
N ILE B 388 -34.20 -10.06 12.32
CA ILE B 388 -35.26 -11.03 12.07
C ILE B 388 -34.78 -12.46 12.29
N ILE B 389 -33.68 -12.78 11.63
CA ILE B 389 -33.10 -14.11 11.73
C ILE B 389 -32.58 -14.40 13.14
N THR B 390 -31.78 -13.51 13.69
CA THR B 390 -31.24 -13.72 15.04
C THR B 390 -32.36 -13.99 16.05
N ASP B 391 -33.45 -13.24 15.96
CA ASP B 391 -34.57 -13.42 16.89
C ASP B 391 -35.76 -14.20 16.34
N ARG B 392 -35.57 -14.89 15.21
CA ARG B 392 -36.64 -15.70 14.60
C ARG B 392 -38.01 -15.03 14.67
N LEU B 393 -38.07 -13.75 14.29
CA LEU B 393 -39.32 -12.99 14.29
C LEU B 393 -40.36 -13.56 13.33
N PRO B 394 -41.65 -13.49 13.72
CA PRO B 394 -42.79 -13.99 12.93
C PRO B 394 -43.24 -13.00 11.87
N VAL B 395 -42.29 -12.52 11.09
CA VAL B 395 -42.59 -11.59 10.01
C VAL B 395 -43.60 -12.21 9.04
N GLU B 396 -44.46 -11.38 8.44
CA GLU B 396 -45.49 -11.83 7.49
C GLU B 396 -44.90 -12.02 6.08
N PRO B 397 -44.53 -13.27 5.73
CA PRO B 397 -43.95 -13.62 4.43
C PRO B 397 -44.49 -12.90 3.19
N ASN B 398 -45.78 -12.57 3.21
CA ASN B 398 -46.39 -11.87 2.06
C ASN B 398 -45.84 -10.46 1.99
N LEU B 399 -45.90 -9.75 3.12
CA LEU B 399 -45.43 -8.38 3.24
C LEU B 399 -44.01 -8.19 2.71
N LEU B 400 -43.15 -9.16 3.01
CA LEU B 400 -41.75 -9.11 2.59
C LEU B 400 -41.59 -8.68 1.13
N GLY B 401 -42.60 -8.98 0.31
CA GLY B 401 -42.55 -8.63 -1.09
C GLY B 401 -42.95 -7.21 -1.44
N ASP B 402 -44.02 -6.70 -0.83
CA ASP B 402 -44.47 -5.34 -1.12
C ASP B 402 -43.63 -4.32 -0.37
N GLU B 403 -43.16 -3.33 -1.11
CA GLU B 403 -42.32 -2.29 -0.55
C GLU B 403 -43.14 -1.08 -0.09
N SER B 404 -44.46 -1.22 -0.09
CA SER B 404 -45.33 -0.14 0.34
C SER B 404 -45.30 -0.10 1.87
N VAL B 405 -44.80 -1.18 2.45
CA VAL B 405 -44.66 -1.29 3.90
C VAL B 405 -43.20 -1.63 4.18
N PRO B 406 -42.33 -0.61 4.18
CA PRO B 406 -40.89 -0.77 4.44
C PRO B 406 -40.56 -1.84 5.47
N LEU B 407 -39.47 -2.56 5.22
CA LEU B 407 -39.01 -3.62 6.10
C LEU B 407 -38.93 -3.19 7.56
N LYS B 408 -38.52 -1.96 7.80
CA LYS B 408 -38.42 -1.49 9.17
C LYS B 408 -39.77 -1.46 9.90
N GLU B 409 -40.85 -1.65 9.15
CA GLU B 409 -42.17 -1.66 9.74
C GLU B 409 -42.74 -3.06 9.88
N ILE B 410 -42.13 -4.02 9.19
CA ILE B 410 -42.59 -5.39 9.26
C ILE B 410 -42.37 -5.87 10.70
N ILE B 411 -41.39 -5.25 11.36
CA ILE B 411 -41.04 -5.58 12.74
C ILE B 411 -42.12 -5.01 13.68
N ALA B 412 -42.86 -4.03 13.19
CA ALA B 412 -43.92 -3.42 13.98
C ALA B 412 -44.98 -4.48 14.28
N ALA B 413 -44.90 -5.59 13.57
CA ALA B 413 -45.83 -6.71 13.75
C ALA B 413 -45.06 -7.89 14.33
N ALA B 414 -43.86 -8.11 13.78
CA ALA B 414 -43.01 -9.20 14.25
C ALA B 414 -42.67 -9.01 15.73
N LYS B 415 -42.01 -7.91 16.05
CA LYS B 415 -41.65 -7.61 17.42
C LYS B 415 -42.87 -7.02 18.13
N ALA B 416 -44.04 -7.58 17.80
CA ALA B 416 -45.30 -7.13 18.37
C ALA B 416 -46.05 -8.31 18.97
N GLU B 417 -45.94 -9.47 18.32
CA GLU B 417 -46.61 -10.67 18.78
C GLU B 417 -45.89 -11.30 19.97
N SER C 1 -15.13 14.23 -5.76
CA SER C 1 -15.22 15.68 -6.06
C SER C 1 -14.47 16.04 -7.34
N LYS C 2 -15.03 16.98 -8.11
CA LYS C 2 -14.43 17.39 -9.36
C LYS C 2 -13.54 18.62 -9.23
N VAL C 3 -12.51 18.68 -10.08
CA VAL C 3 -11.59 19.79 -10.10
C VAL C 3 -11.51 20.26 -11.54
N VAL C 4 -11.32 21.56 -11.73
CA VAL C 4 -11.24 22.11 -13.07
C VAL C 4 -9.93 22.88 -13.22
N TYR C 5 -9.04 22.40 -14.08
CA TYR C 5 -7.77 23.06 -14.27
C TYR C 5 -7.76 23.90 -15.54
N VAL C 6 -7.96 25.21 -15.40
CA VAL C 6 -7.95 26.11 -16.55
C VAL C 6 -6.49 26.20 -16.98
N SER C 7 -6.07 25.20 -17.74
CA SER C 7 -4.70 25.09 -18.21
C SER C 7 -4.19 26.14 -19.20
N HIS C 8 -3.06 25.79 -19.83
CA HIS C 8 -2.36 26.63 -20.80
C HIS C 8 -3.14 26.99 -22.05
N ASP C 9 -2.83 28.17 -22.59
CA ASP C 9 -3.47 28.67 -23.81
C ASP C 9 -4.97 28.96 -23.64
N GLY C 10 -5.46 28.86 -22.41
CA GLY C 10 -6.86 29.14 -22.15
C GLY C 10 -7.73 27.90 -21.94
N THR C 11 -7.39 26.81 -22.61
CA THR C 11 -8.14 25.57 -22.50
C THR C 11 -8.34 25.14 -21.05
N ARG C 12 -9.19 24.13 -20.84
CA ARG C 12 -9.46 23.62 -19.51
C ARG C 12 -9.67 22.11 -19.50
N ARG C 13 -9.30 21.49 -18.40
CA ARG C 13 -9.43 20.04 -18.23
C ARG C 13 -10.04 19.74 -16.85
N GLU C 14 -11.23 19.15 -16.86
CA GLU C 14 -11.92 18.80 -15.63
C GLU C 14 -11.53 17.39 -15.20
N LEU C 15 -11.47 17.16 -13.89
CA LEU C 15 -11.12 15.84 -13.40
C LEU C 15 -11.79 15.31 -12.14
N ASP C 16 -11.45 14.06 -11.86
CA ASP C 16 -11.95 13.30 -10.73
C ASP C 16 -10.87 13.12 -9.66
N VAL C 17 -11.25 13.35 -8.40
CA VAL C 17 -10.31 13.21 -7.29
C VAL C 17 -10.88 12.28 -6.22
N ALA C 18 -10.07 11.31 -5.79
CA ALA C 18 -10.49 10.35 -4.78
C ALA C 18 -10.82 10.99 -3.43
N ASP C 19 -10.66 12.31 -3.35
CA ASP C 19 -10.95 13.07 -2.13
C ASP C 19 -9.93 12.73 -1.04
N GLY C 20 -9.07 13.70 -0.72
CA GLY C 20 -8.04 13.49 0.28
C GLY C 20 -6.71 13.53 -0.43
N VAL C 21 -6.78 13.73 -1.74
CA VAL C 21 -5.60 13.80 -2.62
C VAL C 21 -5.43 15.24 -3.06
N SER C 22 -4.18 15.71 -3.09
CA SER C 22 -3.89 17.08 -3.47
C SER C 22 -4.16 17.27 -4.96
N LEU C 23 -4.47 18.50 -5.34
CA LEU C 23 -4.75 18.83 -6.74
C LEU C 23 -3.52 18.61 -7.62
N MET C 24 -2.33 18.70 -7.01
CA MET C 24 -1.07 18.50 -7.72
C MET C 24 -0.92 17.05 -8.13
N GLN C 25 -1.02 16.13 -7.18
CA GLN C 25 -0.88 14.70 -7.47
C GLN C 25 -1.82 14.29 -8.59
N ALA C 26 -3.05 14.78 -8.51
CA ALA C 26 -4.09 14.48 -9.50
C ALA C 26 -3.76 15.04 -10.88
N ALA C 27 -3.33 16.30 -10.91
CA ALA C 27 -2.98 16.96 -12.16
C ALA C 27 -1.84 16.26 -12.90
N VAL C 28 -0.69 16.11 -12.25
CA VAL C 28 0.46 15.49 -12.90
C VAL C 28 0.26 14.02 -13.28
N SER C 29 -0.57 13.31 -12.52
CA SER C 29 -0.81 11.89 -12.80
C SER C 29 -1.75 11.66 -13.99
N ASN C 30 -2.49 12.70 -14.37
CA ASN C 30 -3.43 12.61 -15.49
C ASN C 30 -2.96 13.29 -16.77
N GLY C 31 -1.74 13.80 -16.76
CA GLY C 31 -1.19 14.43 -17.95
C GLY C 31 -1.30 15.94 -18.07
N ILE C 32 -1.73 16.63 -17.02
CA ILE C 32 -1.83 18.07 -17.10
C ILE C 32 -0.43 18.67 -17.08
N TYR C 33 0.33 18.40 -18.14
CA TYR C 33 1.71 18.86 -18.30
C TYR C 33 1.95 20.29 -17.84
N ASP C 34 0.93 21.13 -17.94
CA ASP C 34 1.01 22.54 -17.56
C ASP C 34 1.56 22.70 -16.14
N ILE C 35 1.16 21.80 -15.25
CA ILE C 35 1.65 21.86 -13.87
C ILE C 35 2.39 20.59 -13.46
N VAL C 36 3.62 20.80 -13.03
CA VAL C 36 4.50 19.74 -12.59
C VAL C 36 4.69 19.85 -11.08
N GLY C 37 4.99 18.74 -10.41
CA GLY C 37 5.17 18.79 -8.97
C GLY C 37 6.45 18.07 -8.58
N ASP C 38 7.55 18.53 -9.14
CA ASP C 38 8.89 17.99 -8.94
C ASP C 38 9.24 17.45 -7.56
N CYS C 39 9.10 18.28 -6.54
CA CYS C 39 9.45 17.88 -5.18
C CYS C 39 8.67 16.69 -4.60
N GLY C 40 7.48 16.43 -5.13
CA GLY C 40 6.69 15.30 -4.65
C GLY C 40 5.46 15.70 -3.85
N GLY C 41 5.28 17.01 -3.68
CA GLY C 41 4.13 17.47 -2.94
C GLY C 41 4.40 17.65 -1.46
N SER C 42 5.62 18.05 -1.11
CA SER C 42 5.93 18.25 0.30
C SER C 42 6.07 19.75 0.58
N ALA C 43 5.83 20.55 -0.44
CA ALA C 43 5.94 22.00 -0.33
C ALA C 43 7.40 22.35 -0.13
N SER C 44 8.22 22.01 -1.12
CA SER C 44 9.64 22.27 -1.07
C SER C 44 10.22 22.81 -2.37
N CYS C 45 9.40 22.86 -3.43
CA CYS C 45 9.88 23.35 -4.73
C CYS C 45 9.06 24.47 -5.38
N ALA C 46 7.75 24.49 -5.15
CA ALA C 46 6.88 25.55 -5.70
C ALA C 46 6.58 25.42 -7.20
N THR C 47 6.65 24.20 -7.73
CA THR C 47 6.35 23.97 -9.16
C THR C 47 4.88 23.56 -9.28
N CYS C 48 4.27 23.38 -8.12
CA CYS C 48 2.79 23.12 -7.83
C CYS C 48 1.95 24.26 -7.96
N HIS C 49 2.57 25.42 -8.17
CA HIS C 49 1.91 26.75 -8.18
C HIS C 49 0.62 26.88 -9.02
N VAL C 50 -0.45 27.37 -8.38
CA VAL C 50 -1.73 27.58 -9.07
C VAL C 50 -2.52 28.75 -8.48
N TYR C 51 -3.25 29.47 -9.32
CA TYR C 51 -4.07 30.58 -8.87
C TYR C 51 -5.42 30.00 -8.56
N VAL C 52 -5.87 30.13 -7.31
CA VAL C 52 -7.18 29.61 -6.92
C VAL C 52 -8.16 30.78 -7.11
N ASN C 53 -9.34 30.51 -7.66
CA ASN C 53 -10.32 31.57 -7.87
C ASN C 53 -11.02 31.97 -6.58
N GLU C 54 -11.35 33.26 -6.47
CA GLU C 54 -12.01 33.78 -5.28
C GLU C 54 -13.25 32.95 -5.00
N ALA C 55 -13.81 32.38 -6.06
CA ALA C 55 -14.99 31.53 -5.93
C ALA C 55 -14.74 30.51 -4.83
N PHE C 56 -13.47 30.15 -4.64
CA PHE C 56 -13.09 29.17 -3.62
C PHE C 56 -11.94 29.63 -2.72
N THR C 57 -11.38 30.82 -2.99
CA THR C 57 -10.28 31.35 -2.19
C THR C 57 -10.50 31.16 -0.69
N ASP C 58 -11.75 30.95 -0.30
CA ASP C 58 -12.08 30.75 1.10
C ASP C 58 -12.32 29.26 1.33
N LYS C 59 -12.28 28.86 2.60
CA LYS C 59 -12.49 27.47 2.99
C LYS C 59 -11.48 26.57 2.29
N VAL C 60 -10.26 27.08 2.18
CA VAL C 60 -9.15 26.36 1.56
C VAL C 60 -7.98 26.56 2.54
N PRO C 61 -7.82 25.65 3.52
CA PRO C 61 -6.77 25.72 4.52
C PRO C 61 -5.70 26.78 4.24
N ALA C 62 -5.94 27.99 4.74
CA ALA C 62 -5.04 29.12 4.55
C ALA C 62 -3.58 28.70 4.55
N ALA C 63 -2.87 29.08 3.48
CA ALA C 63 -1.45 28.76 3.34
C ALA C 63 -0.67 29.22 4.57
N ASN C 64 0.17 28.33 5.09
CA ASN C 64 0.99 28.68 6.26
C ASN C 64 2.32 29.27 5.84
N GLU C 65 3.18 29.52 6.82
CA GLU C 65 4.49 30.09 6.58
C GLU C 65 5.34 29.29 5.61
N ARG C 66 5.26 27.97 5.70
CA ARG C 66 6.01 27.09 4.81
C ARG C 66 5.71 27.51 3.39
N GLU C 67 4.43 27.39 3.03
CA GLU C 67 3.95 27.73 1.69
C GLU C 67 4.24 29.17 1.29
N ILE C 68 3.92 30.10 2.18
CA ILE C 68 4.17 31.50 1.90
C ILE C 68 5.65 31.64 1.53
N GLY C 69 6.51 30.99 2.32
CA GLY C 69 7.94 31.04 2.07
C GLY C 69 8.29 30.47 0.72
N MET C 70 7.62 29.37 0.36
CA MET C 70 7.83 28.73 -0.93
C MET C 70 7.28 29.61 -2.05
N LEU C 71 6.00 29.93 -1.95
CA LEU C 71 5.30 30.77 -2.93
C LEU C 71 6.11 31.92 -3.47
N GLU C 72 6.89 32.53 -2.60
CA GLU C 72 7.69 33.64 -2.93
C GLU C 72 8.64 33.40 -4.09
N SER C 73 9.06 32.13 -4.18
CA SER C 73 9.98 31.74 -5.24
C SER C 73 9.35 31.34 -6.56
N VAL C 74 8.02 31.28 -6.60
CA VAL C 74 7.32 30.91 -7.84
C VAL C 74 7.84 31.72 -9.02
N THR C 75 8.34 31.03 -10.04
CA THR C 75 8.88 31.70 -11.21
C THR C 75 7.84 32.62 -11.84
N ALA C 76 6.59 32.18 -11.89
CA ALA C 76 5.50 32.97 -12.45
C ALA C 76 5.16 34.13 -11.50
N GLU C 77 4.14 34.91 -11.84
CA GLU C 77 3.76 36.03 -11.00
C GLU C 77 3.09 35.56 -9.72
N LEU C 78 3.42 36.20 -8.60
CA LEU C 78 2.82 35.82 -7.33
C LEU C 78 1.57 36.65 -7.06
N LYS C 79 0.41 35.99 -7.03
CA LYS C 79 -0.86 36.67 -6.80
C LYS C 79 -1.45 36.31 -5.44
N PRO C 80 -2.34 37.17 -4.90
CA PRO C 80 -2.97 36.94 -3.60
C PRO C 80 -3.75 35.63 -3.46
N ASN C 81 -3.95 34.95 -4.59
CA ASN C 81 -4.67 33.68 -4.58
C ASN C 81 -3.73 32.58 -5.08
N SER C 82 -2.43 32.88 -5.10
CA SER C 82 -1.41 31.91 -5.52
C SER C 82 -1.32 30.90 -4.38
N ARG C 83 -1.20 29.64 -4.74
CA ARG C 83 -1.09 28.58 -3.74
C ARG C 83 -0.33 27.40 -4.32
N LEU C 84 0.05 26.49 -3.45
CA LEU C 84 0.75 25.29 -3.88
C LEU C 84 -0.34 24.22 -3.98
N SER C 85 -0.68 23.84 -5.21
CA SER C 85 -1.74 22.87 -5.46
C SER C 85 -1.51 21.58 -4.64
N CYS C 86 -0.25 21.37 -4.22
CA CYS C 86 0.16 20.18 -3.47
C CYS C 86 -0.25 20.29 -2.03
N GLN C 87 -0.58 21.51 -1.59
CA GLN C 87 -0.99 21.78 -0.23
C GLN C 87 -2.49 22.01 -0.19
N ILE C 88 -3.20 21.37 -1.12
CA ILE C 88 -4.66 21.48 -1.20
C ILE C 88 -5.24 20.07 -1.29
N ILE C 89 -5.57 19.51 -0.14
CA ILE C 89 -6.16 18.17 -0.05
C ILE C 89 -7.64 18.22 -0.40
N MET C 90 -7.98 17.77 -1.60
CA MET C 90 -9.36 17.78 -2.09
C MET C 90 -10.34 17.07 -1.17
N THR C 91 -11.41 17.77 -0.80
CA THR C 91 -12.45 17.23 0.06
C THR C 91 -13.82 17.51 -0.55
N PRO C 92 -14.86 16.82 -0.07
CA PRO C 92 -16.23 17.02 -0.58
C PRO C 92 -16.65 18.48 -0.57
N GLU C 93 -16.37 19.15 0.54
CA GLU C 93 -16.70 20.56 0.73
C GLU C 93 -15.98 21.47 -0.26
N LEU C 94 -15.33 20.87 -1.27
CA LEU C 94 -14.57 21.62 -2.27
C LEU C 94 -14.89 21.20 -3.70
N ASP C 95 -16.02 20.53 -3.89
CA ASP C 95 -16.40 20.07 -5.22
C ASP C 95 -16.53 21.24 -6.20
N GLY C 96 -16.17 20.98 -7.45
CA GLY C 96 -16.26 22.01 -8.48
C GLY C 96 -15.29 23.16 -8.40
N ILE C 97 -14.15 22.95 -7.73
CA ILE C 97 -13.15 24.01 -7.59
C ILE C 97 -12.43 24.27 -8.91
N VAL C 98 -12.02 25.52 -9.12
CA VAL C 98 -11.33 25.91 -10.35
C VAL C 98 -9.97 26.54 -10.06
N VAL C 99 -8.91 25.82 -10.46
CA VAL C 99 -7.54 26.29 -10.26
C VAL C 99 -6.93 26.79 -11.57
N ASP C 100 -6.15 27.85 -11.47
CA ASP C 100 -5.52 28.45 -12.65
C ASP C 100 -4.05 28.08 -12.79
N VAL C 101 -3.73 27.43 -13.90
CA VAL C 101 -2.36 27.02 -14.18
C VAL C 101 -1.55 28.19 -14.68
N PRO C 102 -0.61 28.69 -13.86
CA PRO C 102 0.21 29.83 -14.28
C PRO C 102 0.92 29.48 -15.59
N ASP C 103 1.45 30.50 -16.27
CA ASP C 103 2.16 30.28 -17.52
C ASP C 103 3.50 29.62 -17.16
N ARG C 104 3.71 28.41 -17.67
CA ARG C 104 4.93 27.65 -17.41
C ARG C 104 6.12 28.57 -17.13
N SER D 1 -2.90 13.83 13.40
CA SER D 1 -3.89 14.60 14.22
C SER D 1 -4.38 13.79 15.42
N LYS D 2 -4.81 14.50 16.47
CA LYS D 2 -5.30 13.87 17.70
C LYS D 2 -6.77 13.47 17.68
N VAL D 3 -7.07 12.35 18.33
CA VAL D 3 -8.42 11.81 18.44
C VAL D 3 -8.58 11.27 19.86
N VAL D 4 -9.58 11.75 20.60
CA VAL D 4 -9.78 11.26 21.96
C VAL D 4 -10.98 10.31 22.02
N TYR D 5 -10.79 9.18 22.70
CA TYR D 5 -11.85 8.18 22.85
C TYR D 5 -12.21 8.00 24.32
N VAL D 6 -13.15 8.82 24.78
CA VAL D 6 -13.58 8.73 26.17
C VAL D 6 -14.56 7.58 26.33
N SER D 7 -14.18 6.59 27.14
CA SER D 7 -15.04 5.44 27.40
C SER D 7 -16.06 5.81 28.47
N HIS D 8 -16.90 4.85 28.86
CA HIS D 8 -17.93 5.08 29.88
C HIS D 8 -17.29 5.46 31.22
N ASP D 9 -17.72 6.58 31.79
CA ASP D 9 -17.21 7.09 33.08
C ASP D 9 -15.76 7.54 33.03
N GLY D 10 -15.42 8.36 32.04
CA GLY D 10 -14.06 8.87 31.92
C GLY D 10 -13.17 7.97 31.09
N THR D 11 -12.05 7.56 31.67
CA THR D 11 -11.09 6.67 31.00
C THR D 11 -10.98 6.90 29.49
N ARG D 12 -10.41 8.05 29.12
CA ARG D 12 -10.26 8.35 27.70
C ARG D 12 -8.91 7.91 27.19
N ARG D 13 -8.82 7.74 25.87
CA ARG D 13 -7.59 7.33 25.20
C ARG D 13 -7.28 8.36 24.12
N GLU D 14 -6.10 8.96 24.20
CA GLU D 14 -5.68 9.96 23.23
C GLU D 14 -4.94 9.27 22.10
N LEU D 15 -5.43 9.45 20.87
CA LEU D 15 -4.79 8.81 19.74
C LEU D 15 -4.01 9.72 18.80
N ASP D 16 -3.85 9.29 17.56
CA ASP D 16 -3.06 10.03 16.59
C ASP D 16 -3.33 9.58 15.15
N VAL D 17 -4.55 9.75 14.65
CA VAL D 17 -4.84 9.29 13.29
C VAL D 17 -4.26 10.19 12.17
N ALA D 18 -3.74 9.54 11.13
CA ALA D 18 -3.15 10.23 9.99
C ALA D 18 -4.14 11.14 9.29
N ASP D 19 -3.79 11.63 8.10
CA ASP D 19 -4.68 12.52 7.36
C ASP D 19 -6.04 11.84 7.10
N GLY D 20 -6.19 11.21 5.95
CA GLY D 20 -7.45 10.57 5.61
C GLY D 20 -7.56 9.14 6.10
N VAL D 21 -8.02 8.97 7.32
CA VAL D 21 -8.17 7.65 7.91
C VAL D 21 -9.37 7.66 8.86
N SER D 22 -10.29 6.74 8.67
CA SER D 22 -11.47 6.68 9.53
C SER D 22 -11.05 6.50 10.99
N LEU D 23 -11.79 7.14 11.88
CA LEU D 23 -11.52 7.03 13.30
C LEU D 23 -11.86 5.63 13.79
N MET D 24 -12.18 4.73 12.86
CA MET D 24 -12.52 3.37 13.22
C MET D 24 -11.33 2.43 13.06
N GLN D 25 -10.63 2.53 11.93
CA GLN D 25 -9.48 1.68 11.71
C GLN D 25 -8.34 2.22 12.59
N ALA D 26 -8.19 3.54 12.59
CA ALA D 26 -7.18 4.19 13.40
C ALA D 26 -7.74 4.28 14.82
N ALA D 27 -8.17 3.14 15.32
CA ALA D 27 -8.75 3.06 16.67
C ALA D 27 -8.77 1.61 17.15
N VAL D 28 -9.33 0.72 16.34
CA VAL D 28 -9.38 -0.70 16.70
C VAL D 28 -7.97 -1.27 16.65
N SER D 29 -7.11 -0.65 15.85
CA SER D 29 -5.73 -1.08 15.70
C SER D 29 -4.91 -0.78 16.96
N ASN D 30 -5.24 0.30 17.64
CA ASN D 30 -4.55 0.69 18.87
C ASN D 30 -5.10 -0.04 20.10
N GLY D 31 -6.11 -0.87 19.89
CA GLY D 31 -6.68 -1.62 20.99
C GLY D 31 -7.92 -1.08 21.68
N ILE D 32 -8.57 -0.07 21.08
CA ILE D 32 -9.77 0.49 21.69
C ILE D 32 -10.86 -0.59 21.63
N TYR D 33 -10.83 -1.49 22.61
CA TYR D 33 -11.78 -2.60 22.69
C TYR D 33 -13.26 -2.23 22.77
N ASP D 34 -13.57 -1.04 23.28
CA ASP D 34 -14.97 -0.64 23.38
C ASP D 34 -15.60 -0.37 22.02
N ILE D 35 -14.74 -0.12 21.02
CA ILE D 35 -15.21 0.08 19.65
C ILE D 35 -14.59 -1.10 18.91
N VAL D 36 -15.37 -1.75 18.04
CA VAL D 36 -14.87 -2.92 17.34
C VAL D 36 -14.73 -2.80 15.82
N GLY D 37 -15.79 -2.36 15.14
CA GLY D 37 -15.73 -2.23 13.68
C GLY D 37 -15.57 -3.55 12.94
N ASP D 38 -16.43 -4.51 13.27
CA ASP D 38 -16.42 -5.83 12.68
C ASP D 38 -16.42 -5.85 11.14
N CYS D 39 -17.41 -5.18 10.57
CA CYS D 39 -17.56 -5.14 9.12
C CYS D 39 -16.39 -4.53 8.32
N GLY D 40 -15.35 -4.07 8.99
CA GLY D 40 -14.22 -3.49 8.29
C GLY D 40 -14.34 -2.02 7.93
N GLY D 41 -15.57 -1.51 7.88
CA GLY D 41 -15.75 -0.11 7.55
C GLY D 41 -16.71 0.21 6.41
N SER D 42 -17.07 -0.80 5.62
CA SER D 42 -17.98 -0.59 4.49
C SER D 42 -19.32 -0.07 4.99
N ALA D 43 -19.50 -0.10 6.31
CA ALA D 43 -20.72 0.37 6.97
C ALA D 43 -21.86 -0.65 6.83
N SER D 44 -21.73 -1.75 7.58
CA SER D 44 -22.68 -2.84 7.70
C SER D 44 -22.82 -3.29 9.23
N CYS D 45 -22.10 -2.73 10.33
CA CYS D 45 -22.20 -3.20 11.80
C CYS D 45 -22.67 -2.23 12.99
N ALA D 46 -22.17 -1.02 13.13
CA ALA D 46 -22.52 -0.12 14.27
C ALA D 46 -21.55 -0.47 15.35
N THR D 47 -20.64 -1.37 15.01
CA THR D 47 -19.66 -1.79 15.98
C THR D 47 -18.52 -0.78 16.03
N CYS D 48 -18.61 0.29 15.26
CA CYS D 48 -17.60 1.35 15.24
C CYS D 48 -18.25 2.68 15.59
N HIS D 49 -19.49 2.55 16.12
CA HIS D 49 -20.34 3.69 16.53
C HIS D 49 -19.64 4.51 17.60
N VAL D 50 -19.75 5.83 17.45
CA VAL D 50 -19.13 6.77 18.38
C VAL D 50 -19.93 8.06 18.48
N TYR D 51 -20.05 8.58 19.69
CA TYR D 51 -20.75 9.83 19.93
C TYR D 51 -19.74 10.94 19.80
N VAL D 52 -19.80 11.68 18.69
CA VAL D 52 -18.88 12.78 18.44
C VAL D 52 -18.63 13.61 19.69
N ASN D 53 -19.46 14.62 19.93
CA ASN D 53 -19.32 15.48 21.11
C ASN D 53 -20.44 16.51 21.14
N GLU D 54 -20.94 16.80 22.34
CA GLU D 54 -22.02 17.77 22.49
C GLU D 54 -21.52 19.18 22.18
N ALA D 55 -20.57 19.28 21.26
CA ALA D 55 -20.02 20.56 20.86
C ALA D 55 -19.31 20.48 19.52
N PHE D 56 -18.44 19.49 19.38
CA PHE D 56 -17.69 19.28 18.14
C PHE D 56 -18.56 18.55 17.12
N THR D 57 -19.71 19.14 16.83
CA THR D 57 -20.67 18.56 15.91
C THR D 57 -21.36 19.59 15.01
N ASP D 58 -20.85 19.73 13.80
CA ASP D 58 -21.47 20.67 12.80
C ASP D 58 -20.60 20.80 11.60
N LYS D 59 -21.10 20.51 10.44
CA LYS D 59 -20.21 20.68 9.31
C LYS D 59 -18.83 20.11 9.61
N VAL D 60 -18.65 18.97 8.91
CA VAL D 60 -17.54 18.03 8.85
C VAL D 60 -18.26 16.73 8.29
N PRO D 61 -17.75 15.50 7.94
CA PRO D 61 -18.70 14.57 7.19
C PRO D 61 -20.11 14.47 7.74
N ALA D 62 -21.01 15.15 7.05
CA ALA D 62 -22.38 15.26 7.53
C ALA D 62 -23.36 14.13 7.15
N ALA D 63 -23.23 13.00 7.85
CA ALA D 63 -24.03 11.74 7.81
C ALA D 63 -25.12 11.39 6.76
N ASN D 64 -24.74 10.76 5.61
CA ASN D 64 -25.68 10.26 4.61
C ASN D 64 -26.75 9.37 5.23
N GLU D 65 -27.66 9.05 4.42
CA GLU D 65 -28.78 8.22 4.89
C GLU D 65 -28.41 6.76 5.16
N ARG D 66 -27.42 6.23 4.44
CA ARG D 66 -27.00 4.85 4.64
C ARG D 66 -26.39 4.64 6.02
N GLU D 67 -25.86 5.71 6.60
CA GLU D 67 -25.26 5.63 7.92
C GLU D 67 -26.38 5.77 8.95
N ILE D 68 -27.43 6.50 8.57
CA ILE D 68 -28.58 6.68 9.44
C ILE D 68 -29.28 5.33 9.57
N GLY D 69 -29.10 4.48 8.56
CA GLY D 69 -29.71 3.16 8.57
C GLY D 69 -28.95 2.19 9.45
N MET D 70 -27.62 2.23 9.36
CA MET D 70 -26.75 1.36 10.17
C MET D 70 -26.85 1.79 11.64
N LEU D 71 -27.05 3.08 11.83
CA LEU D 71 -27.17 3.66 13.17
C LEU D 71 -28.49 3.32 13.83
N GLU D 72 -29.27 2.47 13.18
CA GLU D 72 -30.55 2.04 13.73
C GLU D 72 -30.39 0.92 14.72
N SER D 73 -29.47 0.02 14.40
CA SER D 73 -29.21 -1.10 15.27
C SER D 73 -28.38 -0.68 16.46
N VAL D 74 -27.52 -1.59 16.93
CA VAL D 74 -26.66 -1.36 18.08
C VAL D 74 -27.48 -0.95 19.30
N THR D 75 -27.46 -1.83 20.30
CA THR D 75 -28.20 -1.61 21.52
C THR D 75 -27.60 -0.49 22.37
N ALA D 76 -26.91 0.43 21.73
CA ALA D 76 -26.31 1.57 22.42
C ALA D 76 -27.29 2.74 22.43
N GLU D 77 -27.38 3.42 23.57
CA GLU D 77 -28.28 4.56 23.76
C GLU D 77 -28.10 5.63 22.68
N LEU D 78 -28.69 5.41 21.50
CA LEU D 78 -28.60 6.34 20.37
C LEU D 78 -28.86 7.79 20.76
N LYS D 79 -28.08 8.71 20.19
CA LYS D 79 -28.20 10.13 20.46
C LYS D 79 -28.13 10.94 19.16
N PRO D 80 -28.32 12.27 19.24
CA PRO D 80 -28.26 13.11 18.04
C PRO D 80 -26.85 13.17 17.46
N ASN D 81 -25.85 13.08 18.35
CA ASN D 81 -24.45 13.12 17.93
C ASN D 81 -23.83 11.72 17.72
N SER D 82 -24.59 10.83 17.10
CA SER D 82 -24.14 9.47 16.81
C SER D 82 -23.61 9.39 15.38
N ARG D 83 -22.44 8.79 15.21
CA ARG D 83 -21.84 8.65 13.89
C ARG D 83 -20.98 7.38 13.85
N LEU D 84 -20.91 6.76 12.67
CA LEU D 84 -20.09 5.57 12.51
C LEU D 84 -18.68 6.04 12.22
N SER D 85 -17.81 5.95 13.23
CA SER D 85 -16.42 6.39 13.13
C SER D 85 -15.67 6.08 11.84
N CYS D 86 -16.00 4.97 11.19
CA CYS D 86 -15.33 4.58 9.95
C CYS D 86 -15.84 5.38 8.75
N GLN D 87 -16.78 6.28 9.02
CA GLN D 87 -17.37 7.13 8.00
C GLN D 87 -16.87 8.56 8.26
N ILE D 88 -16.25 8.75 9.41
CA ILE D 88 -15.68 10.01 9.80
C ILE D 88 -14.19 9.93 9.45
N ILE D 89 -13.78 10.66 8.41
CA ILE D 89 -12.39 10.66 8.00
C ILE D 89 -11.67 11.87 8.61
N MET D 90 -10.57 11.62 9.29
CA MET D 90 -9.79 12.68 9.94
C MET D 90 -9.13 13.65 8.96
N THR D 91 -8.83 14.84 9.47
CA THR D 91 -8.18 15.91 8.70
C THR D 91 -7.55 16.86 9.70
N PRO D 92 -6.26 17.18 9.53
CA PRO D 92 -5.58 18.11 10.46
C PRO D 92 -6.38 19.40 10.62
N GLU D 93 -7.24 19.65 9.64
CA GLU D 93 -8.12 20.82 9.58
C GLU D 93 -8.35 21.49 10.94
N LEU D 94 -9.18 20.86 11.76
CA LEU D 94 -9.51 21.38 13.08
C LEU D 94 -9.95 20.19 13.91
N ASP D 95 -10.29 19.13 13.19
CA ASP D 95 -10.76 17.88 13.80
C ASP D 95 -9.96 17.36 14.98
N GLY D 96 -10.72 16.82 15.93
CA GLY D 96 -10.20 16.22 17.15
C GLY D 96 -11.36 15.37 17.60
N ILE D 97 -12.55 15.90 17.32
CA ILE D 97 -13.84 15.28 17.61
C ILE D 97 -14.04 14.67 18.99
N VAL D 98 -12.96 14.28 19.66
CA VAL D 98 -13.05 13.67 20.98
C VAL D 98 -14.27 12.74 21.06
N VAL D 99 -14.33 11.77 20.17
CA VAL D 99 -15.45 10.83 20.15
C VAL D 99 -15.64 10.17 21.51
N ASP D 100 -16.88 9.79 21.81
CA ASP D 100 -17.20 9.16 23.08
C ASP D 100 -17.70 7.74 22.81
N VAL D 101 -16.89 6.76 23.20
CA VAL D 101 -17.25 5.36 23.00
C VAL D 101 -18.35 4.90 23.97
N PRO D 102 -19.40 4.25 23.43
CA PRO D 102 -20.63 3.69 24.02
C PRO D 102 -20.67 2.69 25.19
N ASP D 103 -21.92 2.43 25.62
CA ASP D 103 -22.33 1.54 26.72
C ASP D 103 -21.27 0.73 27.48
PA FAD E . 15.44 3.86 -13.25
O1A FAD E . 16.59 2.99 -12.94
O2A FAD E . 14.39 4.05 -12.37
O5B FAD E . 14.79 3.24 -14.46
C5B FAD E . 15.42 2.83 -15.71
C4B FAD E . 14.46 1.71 -16.20
O4B FAD E . 14.98 1.17 -17.49
C3B FAD E . 14.35 0.51 -15.24
O3B FAD E . 13.09 0.11 -14.88
C2B FAD E . 15.21 -0.48 -15.95
O2B FAD E . 15.14 -1.81 -15.57
C1B FAD E . 14.86 -0.27 -17.38
N9A FAD E . 15.83 -0.82 -18.31
C8A FAD E . 17.22 -0.78 -18.22
N7A FAD E . 17.83 -1.38 -19.24
C5A FAD E . 16.81 -1.83 -20.04
C6A FAD E . 16.81 -2.58 -21.31
N6A FAD E . 17.90 -2.95 -21.92
N1A FAD E . 15.55 -2.87 -21.84
C2A FAD E . 14.37 -2.50 -21.22
N3A FAD E . 14.28 -1.80 -20.05
C4A FAD E . 15.51 -1.50 -19.49
N1 FAD E . 15.83 10.77 -5.54
C2 FAD E . 15.58 11.92 -4.98
O2 FAD E . 15.82 12.94 -5.52
N3 FAD E . 15.00 12.02 -3.66
C4 FAD E . 14.67 10.90 -2.92
O4 FAD E . 14.17 11.01 -1.81
C4X FAD E . 14.95 9.59 -3.52
N5 FAD E . 14.66 8.41 -2.86
C5X FAD E . 14.91 7.20 -3.48
C6 FAD E . 14.60 5.98 -2.79
C7 FAD E . 14.82 4.71 -3.38
C7M FAD E . 14.48 3.44 -2.61
C8 FAD E . 15.38 4.63 -4.76
C8M FAD E . 15.65 3.33 -5.48
C9 FAD E . 15.70 5.83 -5.44
C9A FAD E . 15.47 7.13 -4.82
N10 FAD E . 15.78 8.43 -5.49
C10 FAD E . 15.54 9.61 -4.91
C1' FAD E . 16.34 8.24 -6.84
C2' FAD E . 15.27 8.57 -7.96
O2' FAD E . 14.01 7.98 -7.67
C3' FAD E . 15.95 8.08 -9.18
O3' FAD E . 17.21 8.76 -9.39
C4' FAD E . 15.14 8.18 -10.46
O4' FAD E . 13.82 7.58 -10.35
C5' FAD E . 16.00 7.47 -11.47
O5' FAD E . 15.22 7.38 -12.77
P FAD E . 15.75 6.69 -13.95
O1P FAD E . 14.55 6.91 -14.91
O2P FAD E . 16.94 7.27 -14.38
O3P FAD E . 15.98 5.24 -13.90
PA FAD F . -6.90 -17.86 9.18
O1A FAD F . -6.87 -18.96 8.22
O2A FAD F . -6.91 -16.54 8.79
O5B FAD F . -5.62 -18.09 10.01
C5B FAD F . -5.17 -19.33 10.67
C4B FAD F . -3.67 -19.07 11.03
O4B FAD F . -3.15 -20.27 11.74
C3B FAD F . -2.70 -18.89 9.85
O3B FAD F . -1.70 -17.93 10.03
C2B FAD F . -2.23 -20.29 9.67
O2B FAD F . -1.20 -20.52 8.76
C1B FAD F . -1.90 -20.63 11.08
N9A FAD F . -1.68 -22.05 11.38
C8A FAD F . -2.38 -23.16 10.91
N7A FAD F . -1.92 -24.30 11.39
C5A FAD F . -0.87 -23.94 12.21
C6A FAD F . 0.06 -24.73 13.03
N6A FAD F . 0.03 -26.03 13.12
N1A FAD F . 1.02 -24.00 13.73
C2A FAD F . 1.09 -22.62 13.67
N3A FAD F . 0.28 -21.82 12.93
C4A FAD F . -0.69 -22.52 12.23
N1 FAD F . -15.06 -12.85 5.47
C2 FAD F . -16.09 -11.98 5.56
O2 FAD F . -16.90 -12.02 6.46
N3 FAD F . -16.28 -10.92 4.56
C4 FAD F . -15.40 -10.75 3.48
O4 FAD F . -15.60 -9.85 2.68
C4X FAD F . -14.29 -11.68 3.37
N5 FAD F . -13.40 -11.56 2.32
C5X FAD F . -12.33 -12.45 2.23
C6 FAD F . -11.39 -12.30 1.13
C7 FAD F . -10.27 -13.17 0.99
C7M FAD F . -9.32 -12.96 -0.17
C8 FAD F . -10.04 -14.26 1.99
C8M FAD F . -8.87 -15.24 1.93
C9 FAD F . -10.96 -14.40 3.06
C9A FAD F . -12.11 -13.51 3.21
N10 FAD F . -13.10 -13.62 4.33
C10 FAD F . -14.16 -12.75 4.44
C1' FAD F . -12.76 -14.72 5.26
C2' FAD F . -12.20 -14.18 6.63
O2' FAD F . -11.22 -13.19 6.41
C3' FAD F . -11.73 -15.43 7.31
O3' FAD F . -12.80 -16.36 7.48
C4' FAD F . -11.07 -15.21 8.68
O4' FAD F . -9.96 -14.24 8.64
C5' FAD F . -10.60 -16.58 9.09
O5' FAD F . -9.82 -16.40 10.40
P FAD F . -9.12 -17.53 11.05
O1P FAD F . -8.53 -16.77 12.27
O2P FAD F . -10.00 -18.56 11.40
O3P FAD F . -8.03 -18.19 10.28
FE1 FES G . 6.97 20.79 -4.58
FE2 FES G . 4.31 21.33 -4.64
S1 FES G . 5.41 19.63 -5.66
S2 FES G . 5.94 22.44 -3.56
FE1 FES H . -19.56 -1.44 10.23
FE2 FES H . -17.57 0.43 10.63
S1 FES H . -17.33 -1.77 10.76
S2 FES H . -19.67 0.81 10.13
#